data_3P9M
#
_entry.id   3P9M
#
_cell.length_a   66.979
_cell.length_b   85.694
_cell.length_c   89.290
_cell.angle_alpha   90.000
_cell.angle_beta   111.500
_cell.angle_gamma   90.000
#
_symmetry.space_group_name_H-M   'P 1 21 1'
#
loop_
_entity.id
_entity.type
_entity.pdbx_description
1 polymer 'H-2 class I histocompatibility antigen, K-B alpha chain'
2 polymer Beta-2-microglobulin
3 polymer 'Ovalbumin epitope, SIIGFEKL'
4 water water
#
loop_
_entity_poly.entity_id
_entity_poly.type
_entity_poly.pdbx_seq_one_letter_code
_entity_poly.pdbx_strand_id
1 'polypeptide(L)'
;GPHSLRYFVTAVSRPGLGEPRYMEVGYVDDTEFVRFDSDAENPRYEPRARWMEQEGPEYWERETQKAKGNEQSFRVDLRT
LLGYYNQSKGGSHTIQVISGCEVGSDGRLLRGYQQYAYDGCDYIALNEDLKTWTAADMAALITKHKWEQAGEAERLRAYL
EGTCVEWLRRYLKNGNATLLRTDSPKAHVTHHSRPEDKVTLRCWALGFYPADITLTWQLNGEELIQDMELVETRPAGDGT
FQKWASVVVPLGKEQYYTCHVYHQGLPEPLTLRWEPP
;
A,D
2 'polypeptide(L)'
;IQKTPQIQVYSRHPPENGKPNILNCYVTQFHPPHIEIQMLKNGKKIPKVEMSDMSFSKDWSFYILAHTEFTPTETDTYAC
RVKHDSMAEPKTVYWDRDM
;
B,E
3 'polypeptide(L)' SIIGFEKL C,F
#
# COMPACT_ATOMS: atom_id res chain seq x y z
N GLY A 1 6.28 -5.66 2.58
CA GLY A 1 5.02 -4.92 2.69
C GLY A 1 4.81 -4.34 4.07
N PRO A 2 3.64 -3.73 4.29
CA PRO A 2 3.32 -3.15 5.60
C PRO A 2 2.71 -4.17 6.55
N HIS A 3 2.74 -3.84 7.85
CA HIS A 3 2.24 -4.76 8.84
C HIS A 3 1.53 -3.99 9.96
N SER A 4 0.67 -4.68 10.69
CA SER A 4 -0.05 -4.05 11.80
C SER A 4 -0.10 -4.94 13.01
N LEU A 5 -0.08 -4.28 14.17
CA LEU A 5 -0.33 -4.92 15.44
C LEU A 5 -1.49 -4.17 16.05
N ARG A 6 -2.61 -4.86 16.22
CA ARG A 6 -3.80 -4.21 16.77
C ARG A 6 -4.44 -5.05 17.87
N TYR A 7 -4.82 -4.37 18.95
CA TYR A 7 -5.55 -5.00 20.05
C TYR A 7 -7.00 -4.51 20.12
N PHE A 8 -7.91 -5.45 20.24
CA PHE A 8 -9.33 -5.20 20.33
C PHE A 8 -9.76 -5.55 21.75
N VAL A 9 -10.25 -4.55 22.48
CA VAL A 9 -10.56 -4.71 23.89
C VAL A 9 -12.06 -4.58 24.14
N THR A 10 -12.62 -5.47 24.96
CA THR A 10 -14.03 -5.43 25.31
C THR A 10 -14.27 -5.52 26.82
N ALA A 11 -15.07 -4.61 27.34
CA ALA A 11 -15.46 -4.63 28.75
C ALA A 11 -16.98 -4.56 28.86
N VAL A 12 -17.60 -5.62 29.38
CA VAL A 12 -19.05 -5.73 29.40
C VAL A 12 -19.55 -5.87 30.82
N SER A 13 -20.31 -4.90 31.28
CA SER A 13 -20.85 -4.98 32.62
C SER A 13 -22.11 -5.84 32.63
N ARG A 14 -22.40 -6.47 33.75
CA ARG A 14 -23.56 -7.33 33.86
C ARG A 14 -24.07 -7.30 35.29
N PRO A 15 -24.67 -6.16 35.66
CA PRO A 15 -25.14 -5.93 37.03
C PRO A 15 -25.92 -7.11 37.59
N GLY A 16 -25.70 -7.41 38.87
CA GLY A 16 -26.34 -8.53 39.51
C GLY A 16 -25.69 -9.87 39.20
N LEU A 17 -25.22 -10.05 37.98
CA LEU A 17 -24.81 -11.37 37.49
C LEU A 17 -23.32 -11.66 37.59
N GLY A 18 -22.54 -10.68 38.04
CA GLY A 18 -21.11 -10.89 38.22
C GLY A 18 -20.24 -9.67 38.03
N GLU A 19 -18.92 -9.90 38.01
CA GLU A 19 -17.97 -8.86 37.68
C GLU A 19 -18.05 -8.66 36.17
N PRO A 20 -17.63 -7.49 35.69
CA PRO A 20 -17.71 -7.31 34.24
C PRO A 20 -16.85 -8.32 33.50
N ARG A 21 -17.22 -8.64 32.26
CA ARG A 21 -16.39 -9.53 31.45
C ARG A 21 -15.41 -8.71 30.62
N TYR A 22 -14.12 -9.02 30.77
CA TYR A 22 -13.09 -8.24 30.12
C TYR A 22 -12.31 -9.13 29.17
N MET A 23 -12.03 -8.57 27.99
CA MET A 23 -11.30 -9.33 26.99
C MET A 23 -10.31 -8.45 26.24
N GLU A 24 -9.09 -8.98 26.03
CA GLU A 24 -8.11 -8.36 25.15
C GLU A 24 -7.80 -9.37 24.05
N VAL A 25 -7.88 -8.94 22.79
CA VAL A 25 -7.61 -9.82 21.65
C VAL A 25 -6.61 -9.10 20.74
N GLY A 26 -5.49 -9.77 20.49
CA GLY A 26 -4.45 -9.19 19.66
C GLY A 26 -4.38 -9.76 18.26
N TYR A 27 -4.13 -8.87 17.31
CA TYR A 27 -4.04 -9.23 15.90
C TYR A 27 -2.72 -8.77 15.28
N VAL A 28 -2.05 -9.68 14.59
CA VAL A 28 -0.93 -9.31 13.75
C VAL A 28 -1.39 -9.47 12.30
N ASP A 29 -1.40 -8.37 11.56
CA ASP A 29 -1.89 -8.37 10.19
C ASP A 29 -3.28 -9.00 10.12
N ASP A 30 -4.19 -8.53 10.96
CA ASP A 30 -5.58 -8.97 10.89
C ASP A 30 -5.78 -10.45 11.20
N THR A 31 -4.82 -11.09 11.87
CA THR A 31 -5.05 -12.44 12.34
C THR A 31 -4.75 -12.56 13.85
N GLU A 32 -5.69 -13.18 14.57
CA GLU A 32 -5.63 -13.27 16.03
C GLU A 32 -4.41 -14.10 16.45
N PHE A 33 -3.62 -13.57 17.39
CA PHE A 33 -2.42 -14.28 17.82
C PHE A 33 -2.35 -14.46 19.34
N VAL A 34 -3.06 -13.59 20.07
CA VAL A 34 -3.18 -13.73 21.52
C VAL A 34 -4.57 -13.34 22.02
N ARG A 35 -4.92 -13.82 23.20
CA ARG A 35 -6.22 -13.53 23.78
C ARG A 35 -6.16 -13.67 25.30
N PHE A 36 -6.69 -12.65 25.97
CA PHE A 36 -7.00 -12.72 27.39
C PHE A 36 -8.50 -12.61 27.57
N ASP A 37 -9.08 -13.57 28.30
CA ASP A 37 -10.50 -13.61 28.61
C ASP A 37 -10.69 -13.72 30.12
N SER A 38 -11.26 -12.71 30.75
CA SER A 38 -11.34 -12.68 32.22
C SER A 38 -12.34 -13.68 32.77
N ASP A 39 -13.17 -14.25 31.90
CA ASP A 39 -14.22 -15.15 32.38
C ASP A 39 -13.64 -16.53 32.72
N ALA A 40 -12.80 -16.59 33.75
CA ALA A 40 -12.18 -17.84 34.18
C ALA A 40 -11.77 -17.75 35.65
N GLU A 41 -11.45 -18.89 36.25
CA GLU A 41 -11.00 -18.91 37.63
C GLU A 41 -9.59 -18.33 37.73
N ASN A 42 -8.77 -18.66 36.75
CA ASN A 42 -7.41 -18.16 36.68
C ASN A 42 -7.07 -17.72 35.26
N PRO A 43 -7.64 -16.58 34.83
CA PRO A 43 -7.48 -16.03 33.48
C PRO A 43 -6.01 -15.75 33.16
N ARG A 44 -5.59 -16.18 31.97
CA ARG A 44 -4.21 -16.05 31.54
C ARG A 44 -4.19 -15.62 30.07
N TYR A 45 -3.22 -14.78 29.72
CA TYR A 45 -2.95 -14.52 28.33
C TYR A 45 -2.59 -15.85 27.69
N GLU A 46 -3.12 -16.10 26.51
CA GLU A 46 -2.88 -17.36 25.81
C GLU A 46 -2.50 -17.13 24.35
N PRO A 47 -1.57 -17.95 23.83
CA PRO A 47 -1.25 -17.90 22.41
C PRO A 47 -2.43 -18.41 21.59
N ARG A 48 -2.70 -17.75 20.47
CA ARG A 48 -3.82 -18.11 19.62
C ARG A 48 -3.32 -18.50 18.24
N ALA A 49 -2.03 -18.31 18.02
CA ALA A 49 -1.35 -18.83 16.83
C ALA A 49 -0.17 -19.64 17.33
N ARG A 50 -0.01 -20.85 16.82
CA ARG A 50 0.97 -21.78 17.36
C ARG A 50 2.40 -21.23 17.36
N TRP A 51 2.70 -20.31 16.45
CA TRP A 51 4.02 -19.69 16.43
C TRP A 51 4.30 -18.76 17.62
N MET A 52 3.27 -18.46 18.42
CA MET A 52 3.49 -17.65 19.63
C MET A 52 3.91 -18.52 20.83
N GLU A 53 3.85 -19.83 20.68
CA GLU A 53 4.28 -20.73 21.74
C GLU A 53 5.78 -20.60 22.00
N GLN A 54 6.45 -19.88 21.10
CA GLN A 54 7.87 -19.59 21.24
C GLN A 54 8.13 -18.75 22.48
N GLU A 55 7.28 -17.75 22.72
CA GLU A 55 7.45 -16.85 23.86
C GLU A 55 7.47 -17.66 25.15
N GLY A 56 8.38 -17.29 26.05
CA GLY A 56 8.56 -18.00 27.29
C GLY A 56 7.56 -17.58 28.35
N PRO A 57 7.67 -18.18 29.55
CA PRO A 57 6.72 -18.02 30.65
C PRO A 57 6.64 -16.59 31.17
N GLU A 58 7.77 -15.88 31.13
CA GLU A 58 7.78 -14.51 31.60
C GLU A 58 6.90 -13.62 30.73
N TYR A 59 6.86 -13.90 29.43
CA TYR A 59 6.01 -13.09 28.54
C TYR A 59 4.55 -13.22 28.97
N TRP A 60 4.10 -14.46 29.10
CA TRP A 60 2.72 -14.72 29.46
C TRP A 60 2.35 -14.15 30.84
N GLU A 61 3.24 -14.33 31.81
CA GLU A 61 3.03 -13.75 33.13
C GLU A 61 2.94 -12.22 33.06
N ARG A 62 3.86 -11.59 32.33
CA ARG A 62 3.87 -10.13 32.30
C ARG A 62 2.63 -9.56 31.61
N GLU A 63 2.27 -10.11 30.45
CA GLU A 63 1.05 -9.72 29.73
C GLU A 63 -0.23 -10.00 30.55
N THR A 64 -0.23 -11.13 31.27
CA THR A 64 -1.37 -11.48 32.12
C THR A 64 -1.57 -10.45 33.21
N GLN A 65 -0.51 -10.09 33.92
CA GLN A 65 -0.66 -9.14 35.03
C GLN A 65 -1.09 -7.77 34.51
N LYS A 66 -0.57 -7.38 33.36
CA LYS A 66 -0.93 -6.11 32.76
C LYS A 66 -2.40 -6.13 32.30
N ALA A 67 -2.86 -7.29 31.83
CA ALA A 67 -4.26 -7.45 31.42
C ALA A 67 -5.16 -7.26 32.61
N LYS A 68 -4.79 -7.91 33.71
CA LYS A 68 -5.59 -7.84 34.92
C LYS A 68 -5.61 -6.43 35.48
N GLY A 69 -4.50 -5.71 35.34
CA GLY A 69 -4.48 -4.29 35.67
C GLY A 69 -5.43 -3.49 34.78
N ASN A 70 -5.39 -3.75 33.48
CA ASN A 70 -6.33 -3.11 32.56
C ASN A 70 -7.80 -3.38 32.91
N GLU A 71 -8.11 -4.65 33.18
CA GLU A 71 -9.47 -5.07 33.52
C GLU A 71 -10.02 -4.25 34.69
N GLN A 72 -9.21 -4.11 35.72
CA GLN A 72 -9.67 -3.41 36.90
C GLN A 72 -9.88 -1.93 36.61
N SER A 73 -9.02 -1.36 35.77
CA SER A 73 -9.17 0.03 35.36
C SER A 73 -10.47 0.24 34.56
N PHE A 74 -10.78 -0.69 33.64
CA PHE A 74 -12.04 -0.62 32.88
C PHE A 74 -13.27 -0.84 33.76
N ARG A 75 -13.14 -1.65 34.81
CA ARG A 75 -14.23 -1.78 35.77
C ARG A 75 -14.59 -0.39 36.35
N VAL A 76 -13.59 0.38 36.71
CA VAL A 76 -13.81 1.75 37.16
C VAL A 76 -14.47 2.64 36.09
N ASP A 77 -13.95 2.57 34.86
CA ASP A 77 -14.46 3.36 33.74
C ASP A 77 -15.95 3.12 33.45
N LEU A 78 -16.39 1.88 33.61
CA LEU A 78 -17.80 1.56 33.41
C LEU A 78 -18.65 2.36 34.41
N ARG A 79 -18.20 2.40 35.66
CA ARG A 79 -18.89 3.21 36.67
C ARG A 79 -18.82 4.70 36.34
N THR A 80 -17.66 5.15 35.89
CA THR A 80 -17.49 6.55 35.50
C THR A 80 -18.49 6.95 34.42
N LEU A 81 -18.69 6.08 33.44
CA LEU A 81 -19.58 6.43 32.33
C LEU A 81 -21.05 6.44 32.73
N LEU A 82 -21.46 5.54 33.64
CA LEU A 82 -22.80 5.64 34.22
C LEU A 82 -23.02 7.06 34.74
N GLY A 83 -22.00 7.61 35.39
CA GLY A 83 -22.03 8.98 35.88
C GLY A 83 -22.13 10.03 34.78
N TYR A 84 -21.18 10.03 33.85
CA TYR A 84 -21.21 11.01 32.77
C TYR A 84 -22.58 11.05 32.10
N TYR A 85 -23.18 9.88 31.93
CA TYR A 85 -24.42 9.77 31.16
C TYR A 85 -25.67 9.73 32.02
N ASN A 86 -25.49 9.83 33.33
CA ASN A 86 -26.60 9.73 34.27
C ASN A 86 -27.46 8.51 33.95
N GLN A 87 -26.82 7.35 33.84
CA GLN A 87 -27.51 6.10 33.59
C GLN A 87 -27.67 5.32 34.89
N SER A 88 -28.65 4.43 34.93
CA SER A 88 -28.95 3.68 36.13
C SER A 88 -27.91 2.59 36.33
N LYS A 89 -27.79 2.10 37.57
CA LYS A 89 -26.82 1.06 37.85
C LYS A 89 -27.22 -0.30 37.29
N GLY A 90 -28.47 -0.43 36.85
CA GLY A 90 -29.04 -1.72 36.52
C GLY A 90 -28.74 -2.33 35.16
N GLY A 91 -28.46 -1.51 34.16
CA GLY A 91 -28.24 -2.02 32.81
C GLY A 91 -26.83 -2.47 32.49
N SER A 92 -26.72 -3.35 31.50
CA SER A 92 -25.44 -3.78 30.95
C SER A 92 -24.95 -2.76 29.93
N HIS A 93 -23.65 -2.53 29.92
CA HIS A 93 -23.04 -1.55 29.05
C HIS A 93 -21.71 -2.08 28.54
N THR A 94 -21.20 -1.48 27.47
N THR A 94 -21.21 -1.49 27.46
CA THR A 94 -19.98 -2.00 26.85
CA THR A 94 -19.97 -1.97 26.87
C THR A 94 -18.98 -0.89 26.50
C THR A 94 -18.99 -0.83 26.61
N ILE A 95 -17.73 -1.09 26.86
CA ILE A 95 -16.67 -0.19 26.45
C ILE A 95 -15.81 -1.01 25.50
N GLN A 96 -15.48 -0.44 24.34
CA GLN A 96 -14.59 -1.12 23.40
C GLN A 96 -13.44 -0.23 23.00
N VAL A 97 -12.30 -0.84 22.72
CA VAL A 97 -11.11 -0.11 22.34
C VAL A 97 -10.41 -0.83 21.20
N ILE A 98 -9.96 -0.07 20.22
CA ILE A 98 -9.06 -0.55 19.22
C ILE A 98 -7.77 0.26 19.37
N SER A 99 -6.69 -0.43 19.70
CA SER A 99 -5.40 0.20 19.99
C SER A 99 -4.31 -0.52 19.17
N GLY A 100 -3.46 0.24 18.49
CA GLY A 100 -2.41 -0.42 17.72
C GLY A 100 -1.68 0.42 16.70
N CYS A 101 -0.81 -0.24 15.93
CA CYS A 101 0.07 0.47 15.05
C CYS A 101 0.17 -0.21 13.69
N GLU A 102 0.28 0.59 12.65
CA GLU A 102 0.53 0.07 11.31
C GLU A 102 1.87 0.61 10.83
N VAL A 103 2.76 -0.30 10.42
CA VAL A 103 4.09 0.11 10.01
C VAL A 103 4.33 -0.22 8.52
N GLY A 104 5.14 0.61 7.87
CA GLY A 104 5.48 0.39 6.47
C GLY A 104 6.58 -0.65 6.38
N SER A 105 6.98 -0.99 5.15
CA SER A 105 8.05 -1.96 4.94
C SER A 105 9.41 -1.51 5.51
N ASP A 106 9.58 -0.20 5.70
CA ASP A 106 10.79 0.33 6.32
C ASP A 106 10.81 0.23 7.84
N GLY A 107 9.71 -0.24 8.44
CA GLY A 107 9.61 -0.35 9.87
C GLY A 107 9.28 0.94 10.59
N ARG A 108 8.87 1.96 9.84
CA ARG A 108 8.42 3.22 10.44
C ARG A 108 6.89 3.22 10.59
N LEU A 109 6.40 3.85 11.65
CA LEU A 109 4.96 4.00 11.89
C LEU A 109 4.22 4.70 10.75
N LEU A 110 3.23 4.03 10.17
CA LEU A 110 2.41 4.66 9.14
C LEU A 110 1.15 5.29 9.71
N ARG A 111 0.56 4.63 10.71
CA ARG A 111 -0.66 5.10 11.37
C ARG A 111 -0.76 4.47 12.74
N GLY A 112 -1.28 5.21 13.71
CA GLY A 112 -1.50 4.68 15.03
C GLY A 112 -2.97 4.79 15.38
N TYR A 113 -3.49 3.83 16.15
CA TYR A 113 -4.90 3.86 16.51
C TYR A 113 -5.08 3.85 18.03
N GLN A 114 -5.97 4.70 18.52
CA GLN A 114 -6.47 4.58 19.88
C GLN A 114 -7.92 5.05 19.87
N GLN A 115 -8.84 4.11 19.70
CA GLN A 115 -10.25 4.43 19.46
C GLN A 115 -11.12 3.83 20.55
N TYR A 116 -12.09 4.60 21.04
CA TYR A 116 -12.99 4.09 22.07
C TYR A 116 -14.44 4.17 21.62
N ALA A 117 -15.23 3.22 22.08
CA ALA A 117 -16.67 3.24 21.84
C ALA A 117 -17.40 2.86 23.12
N TYR A 118 -18.55 3.50 23.35
CA TYR A 118 -19.39 3.15 24.49
C TYR A 118 -20.74 2.69 23.94
N ASP A 119 -21.20 1.54 24.41
CA ASP A 119 -22.42 0.91 23.89
C ASP A 119 -22.49 0.88 22.36
N GLY A 120 -21.33 0.65 21.75
CA GLY A 120 -21.25 0.41 20.32
C GLY A 120 -21.23 1.64 19.44
N CYS A 121 -21.09 2.81 20.06
CA CYS A 121 -21.00 4.05 19.32
C CYS A 121 -19.70 4.75 19.65
N ASP A 122 -19.14 5.51 18.71
CA ASP A 122 -17.88 6.23 18.92
C ASP A 122 -17.95 7.05 20.19
N TYR A 123 -16.87 7.01 20.96
CA TYR A 123 -16.77 7.81 22.16
C TYR A 123 -15.64 8.83 22.01
N ILE A 124 -14.40 8.34 21.92
CA ILE A 124 -13.26 9.21 21.70
C ILE A 124 -12.20 8.52 20.85
N ALA A 125 -11.42 9.31 20.13
CA ALA A 125 -10.32 8.75 19.35
C ALA A 125 -9.16 9.72 19.24
N LEU A 126 -7.95 9.16 19.27
CA LEU A 126 -6.73 9.88 18.96
C LEU A 126 -6.74 10.19 17.46
N ASN A 127 -6.47 11.43 17.11
CA ASN A 127 -6.41 11.83 15.71
C ASN A 127 -5.12 11.39 15.02
N GLU A 128 -5.14 11.43 13.69
N GLU A 128 -5.13 11.43 13.69
CA GLU A 128 -3.98 11.09 12.87
CA GLU A 128 -3.96 11.09 12.88
C GLU A 128 -2.70 11.82 13.25
C GLU A 128 -2.69 11.76 13.39
N ASP A 129 -2.83 13.00 13.86
CA ASP A 129 -1.65 13.78 14.28
C ASP A 129 -1.01 13.21 15.53
N LEU A 130 -1.67 12.24 16.16
CA LEU A 130 -1.21 11.66 17.42
C LEU A 130 -0.99 12.74 18.48
N LYS A 131 -1.65 13.88 18.31
CA LYS A 131 -1.51 14.98 19.24
C LYS A 131 -2.85 15.39 19.86
N THR A 132 -3.92 15.33 19.07
CA THR A 132 -5.25 15.78 19.50
C THR A 132 -6.32 14.69 19.48
N TRP A 133 -7.44 14.96 20.17
CA TRP A 133 -8.54 14.00 20.31
C TRP A 133 -9.83 14.44 19.60
N THR A 134 -10.59 13.47 19.11
CA THR A 134 -11.95 13.73 18.63
C THR A 134 -12.95 13.09 19.59
N ALA A 135 -13.74 13.93 20.27
CA ALA A 135 -14.75 13.47 21.20
C ALA A 135 -16.12 13.51 20.51
N ALA A 136 -16.90 12.42 20.65
CA ALA A 136 -18.15 12.28 19.90
C ALA A 136 -19.38 12.89 20.57
N ASP A 137 -19.27 13.20 21.86
CA ASP A 137 -20.42 13.72 22.61
C ASP A 137 -19.98 14.48 23.86
N MET A 138 -20.94 14.98 24.62
CA MET A 138 -20.60 15.83 25.75
C MET A 138 -19.84 15.09 26.85
N ALA A 139 -20.14 13.81 27.01
CA ALA A 139 -19.45 12.97 27.99
C ALA A 139 -17.97 12.79 27.63
N ALA A 140 -17.71 12.50 26.36
CA ALA A 140 -16.34 12.32 25.89
C ALA A 140 -15.50 13.58 26.02
N LEU A 141 -16.16 14.74 26.02
CA LEU A 141 -15.48 16.02 26.24
C LEU A 141 -14.82 16.07 27.61
N ILE A 142 -15.46 15.44 28.59
CA ILE A 142 -14.89 15.37 29.93
C ILE A 142 -13.59 14.59 29.88
N THR A 143 -13.65 13.37 29.35
CA THR A 143 -12.45 12.56 29.15
C THR A 143 -11.41 13.31 28.34
N LYS A 144 -11.87 14.01 27.31
CA LYS A 144 -10.94 14.70 26.43
C LYS A 144 -10.13 15.72 27.22
N HIS A 145 -10.81 16.48 28.07
CA HIS A 145 -10.12 17.49 28.86
C HIS A 145 -9.15 16.82 29.84
N LYS A 146 -9.63 15.79 30.53
CA LYS A 146 -8.82 14.97 31.44
C LYS A 146 -7.50 14.55 30.77
N TRP A 147 -7.62 13.99 29.57
CA TRP A 147 -6.48 13.44 28.86
C TRP A 147 -5.58 14.54 28.28
N GLU A 148 -6.19 15.65 27.88
CA GLU A 148 -5.41 16.83 27.50
C GLU A 148 -4.55 17.29 28.68
N GLN A 149 -5.13 17.29 29.87
CA GLN A 149 -4.41 17.71 31.07
C GLN A 149 -3.22 16.81 31.36
N ALA A 150 -3.43 15.50 31.29
CA ALA A 150 -2.40 14.55 31.69
C ALA A 150 -1.37 14.27 30.59
N GLY A 151 -1.52 14.90 29.44
CA GLY A 151 -0.66 14.62 28.30
C GLY A 151 -0.78 13.17 27.80
N GLU A 152 -2.00 12.65 27.77
CA GLU A 152 -2.25 11.28 27.33
C GLU A 152 -1.82 11.05 25.88
N ALA A 153 -2.09 12.02 25.02
CA ALA A 153 -1.78 11.89 23.61
C ALA A 153 -0.29 11.65 23.41
N GLU A 154 0.53 12.32 24.21
CA GLU A 154 1.98 12.16 24.13
C GLU A 154 2.41 10.76 24.58
N ARG A 155 1.82 10.29 25.67
CA ARG A 155 2.05 8.93 26.17
C ARG A 155 1.69 7.88 25.12
N LEU A 156 0.57 8.09 24.43
CA LEU A 156 0.17 7.19 23.37
C LEU A 156 1.13 7.22 22.19
N ARG A 157 1.65 8.40 21.88
CA ARG A 157 2.58 8.51 20.76
C ARG A 157 3.87 7.76 21.05
N ALA A 158 4.35 7.88 22.28
CA ALA A 158 5.53 7.16 22.73
C ALA A 158 5.29 5.66 22.59
N TYR A 159 4.10 5.20 22.97
CA TYR A 159 3.78 3.78 22.81
C TYR A 159 3.75 3.39 21.34
N LEU A 160 3.02 4.17 20.54
CA LEU A 160 2.82 3.85 19.13
C LEU A 160 4.12 3.82 18.35
N GLU A 161 5.00 4.78 18.62
CA GLU A 161 6.27 4.86 17.88
C GLU A 161 7.36 3.98 18.50
N GLY A 162 7.14 3.52 19.71
CA GLY A 162 8.16 2.75 20.40
C GLY A 162 7.75 1.31 20.60
N THR A 163 7.19 1.07 21.77
CA THR A 163 6.76 -0.24 22.20
C THR A 163 6.02 -0.99 21.09
N CYS A 164 5.04 -0.34 20.49
CA CYS A 164 4.16 -1.04 19.56
C CYS A 164 4.93 -1.52 18.32
N VAL A 165 5.68 -0.61 17.72
CA VAL A 165 6.51 -0.96 16.56
C VAL A 165 7.49 -2.09 16.91
N GLU A 166 8.13 -1.95 18.06
CA GLU A 166 9.15 -2.91 18.50
C GLU A 166 8.59 -4.32 18.71
N TRP A 167 7.48 -4.42 19.43
CA TRP A 167 6.86 -5.73 19.56
C TRP A 167 6.41 -6.32 18.21
N LEU A 168 5.84 -5.47 17.33
CA LEU A 168 5.39 -5.97 16.03
C LEU A 168 6.56 -6.61 15.30
N ARG A 169 7.72 -5.95 15.38
CA ARG A 169 8.94 -6.46 14.78
C ARG A 169 9.24 -7.86 15.33
N ARG A 170 9.16 -8.01 16.65
CA ARG A 170 9.44 -9.31 17.27
C ARG A 170 8.44 -10.41 16.86
N TYR A 171 7.15 -10.08 16.82
CA TYR A 171 6.13 -11.07 16.49
C TYR A 171 6.26 -11.51 15.04
N LEU A 172 6.60 -10.56 14.17
CA LEU A 172 6.85 -10.86 12.77
C LEU A 172 7.97 -11.88 12.64
N LYS A 173 9.04 -11.67 13.40
CA LYS A 173 10.19 -12.58 13.39
C LYS A 173 9.74 -14.00 13.73
N ASN A 174 8.86 -14.10 14.71
CA ASN A 174 8.44 -15.40 15.19
C ASN A 174 7.37 -16.04 14.32
N GLY A 175 6.62 -15.23 13.56
CA GLY A 175 5.51 -15.76 12.81
C GLY A 175 5.42 -15.39 11.35
N ASN A 176 6.48 -14.82 10.78
CA ASN A 176 6.39 -14.31 9.41
C ASN A 176 6.07 -15.42 8.41
N ALA A 177 6.76 -16.54 8.52
CA ALA A 177 6.53 -17.68 7.65
C ALA A 177 5.04 -17.94 7.47
N THR A 178 4.36 -18.18 8.58
N THR A 178 4.34 -18.18 8.56
CA THR A 178 2.94 -18.45 8.58
CA THR A 178 2.91 -18.47 8.48
C THR A 178 2.13 -17.22 8.15
C THR A 178 2.05 -17.23 8.23
N LEU A 179 2.59 -16.05 8.56
CA LEU A 179 1.86 -14.81 8.27
C LEU A 179 1.77 -14.49 6.77
N LEU A 180 2.76 -14.94 6.01
CA LEU A 180 2.77 -14.69 4.57
C LEU A 180 1.86 -15.65 3.79
N ARG A 181 1.18 -16.54 4.51
CA ARG A 181 0.33 -17.56 3.91
C ARG A 181 -0.70 -17.03 2.91
N THR A 182 -0.79 -17.65 1.74
N THR A 182 -0.86 -17.73 1.79
CA THR A 182 -1.94 -17.44 0.89
CA THR A 182 -1.93 -17.39 0.85
C THR A 182 -2.51 -18.79 0.45
C THR A 182 -2.50 -18.65 0.18
N ASP A 183 -3.82 -18.82 0.25
CA ASP A 183 -4.48 -19.98 -0.32
C ASP A 183 -5.30 -19.43 -1.45
N SER A 184 -5.03 -19.91 -2.65
CA SER A 184 -5.80 -19.46 -3.81
C SER A 184 -7.21 -20.00 -3.75
N PRO A 185 -8.18 -19.20 -4.17
CA PRO A 185 -9.57 -19.69 -4.33
C PRO A 185 -9.63 -20.84 -5.33
N LYS A 186 -10.47 -21.83 -5.04
CA LYS A 186 -10.85 -22.80 -6.04
C LYS A 186 -12.25 -22.39 -6.50
N ALA A 187 -12.40 -22.16 -7.80
CA ALA A 187 -13.66 -21.63 -8.31
C ALA A 187 -14.40 -22.63 -9.20
N HIS A 188 -15.73 -22.51 -9.22
CA HIS A 188 -16.57 -23.30 -10.11
C HIS A 188 -17.89 -22.57 -10.28
N VAL A 189 -18.60 -22.84 -11.36
CA VAL A 189 -19.87 -22.19 -11.64
C VAL A 189 -20.99 -23.21 -11.51
N THR A 190 -22.06 -22.83 -10.82
CA THR A 190 -23.27 -23.65 -10.78
C THR A 190 -24.42 -22.99 -11.54
N HIS A 191 -25.39 -23.83 -11.93
CA HIS A 191 -26.49 -23.45 -12.80
C HIS A 191 -27.79 -23.72 -12.03
N HIS A 192 -28.72 -22.77 -12.04
CA HIS A 192 -29.96 -22.89 -11.24
C HIS A 192 -31.18 -22.34 -11.98
N SER A 193 -32.32 -23.01 -11.80
CA SER A 193 -33.55 -22.64 -12.50
C SER A 193 -34.16 -21.32 -12.02
N ARG A 194 -34.68 -20.55 -12.98
CA ARG A 194 -35.50 -19.38 -12.68
C ARG A 194 -36.82 -19.57 -13.41
N PRO A 195 -37.83 -18.76 -13.06
CA PRO A 195 -39.10 -18.83 -13.79
C PRO A 195 -38.94 -18.52 -15.29
N GLU A 196 -39.84 -19.08 -16.09
CA GLU A 196 -39.84 -18.85 -17.54
C GLU A 196 -38.47 -19.16 -18.18
N ASP A 197 -37.97 -18.21 -18.96
CA ASP A 197 -36.83 -18.45 -19.83
C ASP A 197 -35.51 -17.82 -19.32
N LYS A 198 -35.36 -17.76 -18.00
CA LYS A 198 -34.14 -17.22 -17.37
C LYS A 198 -33.46 -18.31 -16.52
N VAL A 199 -32.15 -18.18 -16.31
CA VAL A 199 -31.41 -19.08 -15.42
C VAL A 199 -30.44 -18.28 -14.55
N THR A 200 -29.99 -18.87 -13.46
CA THR A 200 -29.03 -18.20 -12.58
C THR A 200 -27.70 -18.87 -12.70
N LEU A 201 -26.65 -18.08 -12.90
CA LEU A 201 -25.30 -18.60 -12.92
C LEU A 201 -24.61 -18.10 -11.67
N ARG A 202 -24.16 -19.05 -10.84
CA ARG A 202 -23.51 -18.73 -9.57
C ARG A 202 -22.04 -19.10 -9.58
N CYS A 203 -21.20 -18.10 -9.34
CA CYS A 203 -19.77 -18.30 -9.38
C CYS A 203 -19.18 -18.38 -7.98
N TRP A 204 -18.71 -19.56 -7.62
CA TRP A 204 -18.16 -19.83 -6.29
C TRP A 204 -16.65 -19.70 -6.24
N ALA A 205 -16.15 -19.11 -5.16
CA ALA A 205 -14.73 -19.13 -4.82
C ALA A 205 -14.60 -19.72 -3.42
N LEU A 206 -13.83 -20.80 -3.28
CA LEU A 206 -13.74 -21.48 -2.00
C LEU A 206 -12.31 -21.68 -1.53
N GLY A 207 -12.14 -21.79 -0.22
CA GLY A 207 -10.87 -22.18 0.35
C GLY A 207 -9.74 -21.18 0.21
N PHE A 208 -10.05 -19.90 0.14
CA PHE A 208 -9.01 -18.88 -0.03
C PHE A 208 -8.64 -18.14 1.25
N TYR A 209 -7.46 -17.56 1.21
CA TYR A 209 -6.91 -16.80 2.31
C TYR A 209 -5.77 -15.95 1.77
N PRO A 210 -5.70 -14.67 2.17
CA PRO A 210 -6.59 -13.99 3.11
C PRO A 210 -7.99 -13.83 2.52
N ALA A 211 -8.90 -13.26 3.31
CA ALA A 211 -10.30 -13.09 2.92
C ALA A 211 -10.54 -12.15 1.72
N ASP A 212 -9.64 -11.20 1.52
CA ASP A 212 -9.86 -10.21 0.46
C ASP A 212 -9.88 -10.83 -0.94
N ILE A 213 -10.90 -10.48 -1.71
CA ILE A 213 -11.12 -11.11 -2.99
C ILE A 213 -12.10 -10.27 -3.81
N THR A 214 -12.09 -10.44 -5.12
CA THR A 214 -13.13 -9.85 -5.97
C THR A 214 -13.62 -10.87 -6.98
N LEU A 215 -14.95 -10.99 -7.10
CA LEU A 215 -15.58 -11.78 -8.14
C LEU A 215 -16.36 -10.84 -9.06
N THR A 216 -16.25 -11.03 -10.37
CA THR A 216 -17.05 -10.25 -11.32
C THR A 216 -17.60 -11.18 -12.39
N TRP A 217 -18.73 -10.77 -12.96
CA TRP A 217 -19.32 -11.45 -14.11
C TRP A 217 -19.24 -10.52 -15.33
N GLN A 218 -18.80 -11.06 -16.46
CA GLN A 218 -18.72 -10.27 -17.70
C GLN A 218 -19.62 -10.89 -18.78
N LEU A 219 -20.26 -10.04 -19.56
CA LEU A 219 -20.96 -10.49 -20.75
C LEU A 219 -20.10 -10.16 -21.98
N ASN A 220 -19.66 -11.19 -22.70
CA ASN A 220 -18.77 -11.01 -23.86
C ASN A 220 -17.51 -10.22 -23.54
N GLY A 221 -16.98 -10.40 -22.33
CA GLY A 221 -15.86 -9.59 -21.89
C GLY A 221 -16.24 -8.12 -21.71
N GLU A 222 -17.25 -7.88 -20.89
CA GLU A 222 -17.64 -6.52 -20.50
C GLU A 222 -18.36 -6.63 -19.15
N GLU A 223 -17.93 -5.83 -18.18
CA GLU A 223 -18.38 -6.02 -16.80
C GLU A 223 -19.83 -5.59 -16.55
N LEU A 224 -20.51 -6.36 -15.69
CA LEU A 224 -21.91 -6.13 -15.36
C LEU A 224 -22.08 -5.39 -14.03
N ILE A 225 -22.56 -4.16 -14.09
CA ILE A 225 -22.61 -3.28 -12.91
C ILE A 225 -23.86 -3.49 -12.05
N GLN A 226 -25.01 -3.62 -12.69
CA GLN A 226 -26.25 -3.80 -11.96
C GLN A 226 -26.63 -5.27 -11.96
N ASP A 227 -27.50 -5.66 -11.02
CA ASP A 227 -28.11 -6.99 -11.01
C ASP A 227 -27.19 -8.15 -10.61
N MET A 228 -25.97 -7.90 -10.19
CA MET A 228 -25.15 -9.00 -9.68
C MET A 228 -25.50 -9.23 -8.22
N GLU A 229 -25.81 -10.48 -7.87
CA GLU A 229 -26.08 -10.80 -6.48
C GLU A 229 -24.84 -11.41 -5.88
N LEU A 230 -24.64 -11.23 -4.58
CA LEU A 230 -23.53 -11.88 -3.92
C LEU A 230 -23.71 -11.97 -2.43
N VAL A 231 -22.84 -12.74 -1.77
CA VAL A 231 -22.86 -12.76 -0.32
C VAL A 231 -21.60 -12.12 0.23
N GLU A 232 -21.67 -11.66 1.46
CA GLU A 232 -20.50 -11.19 2.17
C GLU A 232 -19.53 -12.35 2.33
N THR A 233 -18.26 -12.07 2.17
CA THR A 233 -17.27 -13.11 2.35
C THR A 233 -17.40 -13.72 3.75
N ARG A 234 -17.24 -15.04 3.83
CA ARG A 234 -17.59 -15.78 5.05
C ARG A 234 -16.59 -16.88 5.36
N PRO A 235 -16.35 -17.12 6.66
CA PRO A 235 -15.37 -18.15 7.04
C PRO A 235 -15.88 -19.58 6.82
N ALA A 236 -15.04 -20.43 6.23
CA ALA A 236 -15.40 -21.84 6.06
C ALA A 236 -15.31 -22.60 7.38
N GLY A 237 -14.52 -22.06 8.30
CA GLY A 237 -14.32 -22.67 9.60
C GLY A 237 -12.97 -23.35 9.76
N ASP A 238 -12.21 -23.46 8.68
CA ASP A 238 -10.90 -24.12 8.72
C ASP A 238 -9.75 -23.12 8.54
N GLY A 239 -10.08 -21.85 8.70
CA GLY A 239 -9.10 -20.80 8.50
C GLY A 239 -9.16 -20.19 7.09
N THR A 240 -9.97 -20.76 6.21
CA THR A 240 -10.16 -20.16 4.88
C THR A 240 -11.56 -19.54 4.74
N PHE A 241 -11.78 -18.87 3.61
CA PHE A 241 -12.99 -18.09 3.37
C PHE A 241 -13.70 -18.52 2.09
N GLN A 242 -14.97 -18.10 1.94
CA GLN A 242 -15.79 -18.43 0.79
C GLN A 242 -16.50 -17.17 0.34
N LYS A 243 -16.92 -17.15 -0.92
CA LYS A 243 -17.75 -16.08 -1.46
C LYS A 243 -18.38 -16.57 -2.76
N TRP A 244 -19.55 -16.03 -3.11
CA TRP A 244 -20.06 -16.22 -4.47
C TRP A 244 -20.73 -14.97 -5.02
N ALA A 245 -20.77 -14.87 -6.34
CA ALA A 245 -21.51 -13.81 -7.01
C ALA A 245 -22.30 -14.48 -8.11
N SER A 246 -23.54 -14.06 -8.28
CA SER A 246 -24.40 -14.65 -9.31
C SER A 246 -25.05 -13.61 -10.19
N VAL A 247 -25.48 -14.05 -11.37
CA VAL A 247 -26.27 -13.23 -12.30
C VAL A 247 -27.42 -14.05 -12.88
N VAL A 248 -28.48 -13.37 -13.26
CA VAL A 248 -29.59 -13.98 -13.97
C VAL A 248 -29.43 -13.72 -15.47
N VAL A 249 -29.46 -14.80 -16.26
CA VAL A 249 -29.26 -14.66 -17.70
C VAL A 249 -30.29 -15.47 -18.50
N PRO A 250 -30.43 -15.15 -19.79
CA PRO A 250 -31.38 -15.89 -20.64
C PRO A 250 -31.00 -17.35 -20.84
N LEU A 251 -32.00 -18.22 -20.76
CA LEU A 251 -31.83 -19.62 -21.10
C LEU A 251 -31.29 -19.74 -22.50
N GLY A 252 -30.25 -20.55 -22.67
CA GLY A 252 -29.58 -20.66 -23.95
C GLY A 252 -28.41 -19.70 -24.14
N LYS A 253 -28.24 -18.72 -23.27
CA LYS A 253 -27.13 -17.75 -23.43
C LYS A 253 -25.99 -17.87 -22.40
N GLU A 254 -26.01 -18.94 -21.61
CA GLU A 254 -25.00 -19.15 -20.57
C GLU A 254 -23.57 -18.98 -21.08
N GLN A 255 -23.32 -19.43 -22.30
CA GLN A 255 -21.96 -19.44 -22.84
C GLN A 255 -21.47 -18.05 -23.20
N TYR A 256 -22.32 -17.03 -23.02
CA TYR A 256 -21.92 -15.67 -23.31
C TYR A 256 -21.38 -14.98 -22.06
N TYR A 257 -21.36 -15.70 -20.95
CA TYR A 257 -20.95 -15.10 -19.67
C TYR A 257 -19.71 -15.74 -19.08
N THR A 258 -18.88 -14.90 -18.46
N THR A 258 -18.83 -14.91 -18.54
CA THR A 258 -17.64 -15.35 -17.85
CA THR A 258 -17.68 -15.45 -17.80
C THR A 258 -17.48 -14.80 -16.42
C THR A 258 -17.53 -14.83 -16.42
N CYS A 259 -17.09 -15.66 -15.49
CA CYS A 259 -16.79 -15.22 -14.14
C CYS A 259 -15.29 -14.98 -14.03
N HIS A 260 -14.92 -13.92 -13.35
CA HIS A 260 -13.53 -13.60 -13.10
C HIS A 260 -13.28 -13.48 -11.61
N VAL A 261 -12.20 -14.10 -11.16
CA VAL A 261 -11.86 -14.14 -9.74
C VAL A 261 -10.48 -13.54 -9.52
N TYR A 262 -10.40 -12.51 -8.68
CA TYR A 262 -9.15 -11.82 -8.41
C TYR A 262 -8.74 -12.07 -6.96
N HIS A 263 -7.55 -12.66 -6.77
CA HIS A 263 -7.06 -12.92 -5.42
C HIS A 263 -5.54 -12.94 -5.39
N GLN A 264 -4.97 -12.44 -4.30
CA GLN A 264 -3.53 -12.28 -4.22
C GLN A 264 -2.78 -13.61 -4.21
N GLY A 265 -3.50 -14.69 -3.95
CA GLY A 265 -2.87 -16.00 -3.96
C GLY A 265 -2.62 -16.51 -5.36
N LEU A 266 -3.35 -15.96 -6.33
CA LEU A 266 -3.32 -16.49 -7.69
C LEU A 266 -2.15 -15.94 -8.53
N PRO A 267 -1.56 -16.79 -9.37
CA PRO A 267 -0.52 -16.39 -10.34
C PRO A 267 -1.11 -15.36 -11.32
N GLU A 268 -2.36 -15.56 -11.67
CA GLU A 268 -3.12 -14.57 -12.43
C GLU A 268 -4.60 -14.82 -12.15
N PRO A 269 -5.46 -13.82 -12.44
CA PRO A 269 -6.91 -13.97 -12.23
C PRO A 269 -7.49 -15.20 -12.94
N LEU A 270 -8.53 -15.77 -12.33
CA LEU A 270 -9.25 -16.89 -12.91
C LEU A 270 -10.34 -16.43 -13.86
N THR A 271 -10.51 -17.18 -14.92
CA THR A 271 -11.61 -16.94 -15.84
C THR A 271 -12.34 -18.26 -15.95
N LEU A 272 -13.65 -18.25 -15.75
CA LEU A 272 -14.43 -19.48 -15.94
C LEU A 272 -15.86 -19.26 -16.41
N ARG A 273 -16.48 -20.36 -16.82
CA ARG A 273 -17.83 -20.37 -17.38
C ARG A 273 -18.59 -21.56 -16.84
N TRP A 274 -19.90 -21.52 -17.04
CA TRP A 274 -20.74 -22.68 -16.83
C TRP A 274 -20.32 -23.80 -17.78
N GLU A 275 -20.02 -24.96 -17.21
CA GLU A 275 -19.57 -26.11 -17.96
C GLU A 275 -20.63 -27.19 -17.90
N PRO A 276 -21.57 -27.19 -18.87
CA PRO A 276 -22.60 -28.23 -18.86
C PRO A 276 -21.95 -29.61 -18.89
N PRO A 277 -22.18 -30.42 -17.85
CA PRO A 277 -21.65 -31.80 -17.83
C PRO A 277 -22.33 -32.68 -18.88
N ILE B 1 -27.28 3.14 20.51
CA ILE B 1 -28.25 2.35 19.77
C ILE B 1 -27.84 0.88 19.73
N GLN B 2 -28.69 0.05 19.12
CA GLN B 2 -28.40 -1.38 19.01
C GLN B 2 -28.38 -1.86 17.55
N LYS B 3 -27.52 -2.82 17.26
CA LYS B 3 -27.33 -3.29 15.89
C LYS B 3 -27.95 -4.68 15.67
N THR B 4 -28.68 -4.78 14.55
CA THR B 4 -29.44 -5.98 14.14
C THR B 4 -28.58 -7.04 13.42
N PRO B 5 -28.61 -8.28 13.93
CA PRO B 5 -27.68 -9.28 13.42
C PRO B 5 -27.98 -9.74 12.00
N GLN B 6 -26.92 -9.97 11.22
CA GLN B 6 -27.05 -10.60 9.91
C GLN B 6 -26.60 -12.06 10.03
N ILE B 7 -27.25 -12.93 9.27
CA ILE B 7 -27.03 -14.36 9.41
C ILE B 7 -26.77 -14.99 8.04
N GLN B 8 -25.75 -15.85 7.97
CA GLN B 8 -25.54 -16.72 6.82
C GLN B 8 -25.48 -18.16 7.31
N VAL B 9 -26.22 -19.05 6.65
CA VAL B 9 -26.15 -20.49 6.93
C VAL B 9 -25.61 -21.19 5.70
N TYR B 10 -24.53 -21.97 5.85
CA TYR B 10 -23.83 -22.54 4.69
C TYR B 10 -22.90 -23.66 5.12
N SER B 11 -22.59 -24.57 4.20
CA SER B 11 -21.70 -25.68 4.52
C SER B 11 -20.24 -25.32 4.27
N ARG B 12 -19.35 -25.99 4.98
CA ARG B 12 -17.93 -25.74 4.83
C ARG B 12 -17.47 -26.19 3.46
N HIS B 13 -17.95 -27.36 3.05
CA HIS B 13 -17.63 -27.91 1.74
C HIS B 13 -18.92 -28.06 0.95
N PRO B 14 -18.80 -28.13 -0.38
CA PRO B 14 -19.97 -28.35 -1.23
C PRO B 14 -20.69 -29.60 -0.77
N PRO B 15 -22.00 -29.51 -0.58
CA PRO B 15 -22.73 -30.64 -0.01
C PRO B 15 -22.89 -31.78 -1.00
N GLU B 16 -22.68 -33.00 -0.51
CA GLU B 16 -22.99 -34.21 -1.26
C GLU B 16 -23.80 -35.08 -0.33
N ASN B 17 -25.04 -35.36 -0.71
CA ASN B 17 -25.89 -36.23 0.10
C ASN B 17 -25.12 -37.47 0.54
N GLY B 18 -25.15 -37.76 1.83
CA GLY B 18 -24.49 -38.92 2.38
C GLY B 18 -23.02 -38.74 2.73
N LYS B 19 -22.46 -37.56 2.50
CA LYS B 19 -21.06 -37.30 2.88
C LYS B 19 -21.00 -36.34 4.06
N PRO B 20 -20.23 -36.71 5.10
CA PRO B 20 -20.08 -35.85 6.28
C PRO B 20 -19.49 -34.49 5.89
N ASN B 21 -19.98 -33.46 6.56
CA ASN B 21 -19.66 -32.08 6.24
C ASN B 21 -19.83 -31.30 7.54
N ILE B 22 -19.78 -29.98 7.44
CA ILE B 22 -19.92 -29.09 8.57
C ILE B 22 -20.89 -28.01 8.16
N LEU B 23 -21.88 -27.75 9.00
CA LEU B 23 -22.79 -26.65 8.74
C LEU B 23 -22.44 -25.46 9.62
N ASN B 24 -22.29 -24.32 8.96
CA ASN B 24 -21.96 -23.07 9.61
C ASN B 24 -23.14 -22.14 9.70
N CYS B 25 -23.17 -21.37 10.78
CA CYS B 25 -24.06 -20.25 10.95
C CYS B 25 -23.20 -19.06 11.39
N TYR B 26 -22.98 -18.13 10.48
CA TYR B 26 -22.09 -16.99 10.67
C TYR B 26 -22.92 -15.77 11.02
N VAL B 27 -22.79 -15.29 12.26
CA VAL B 27 -23.61 -14.16 12.71
C VAL B 27 -22.76 -12.88 12.90
N THR B 28 -23.19 -11.80 12.27
CA THR B 28 -22.42 -10.57 12.28
C THR B 28 -23.29 -9.35 12.55
N GLN B 29 -22.67 -8.19 12.67
CA GLN B 29 -23.35 -6.89 12.73
C GLN B 29 -24.24 -6.72 13.95
N PHE B 30 -23.92 -7.40 15.05
CA PHE B 30 -24.79 -7.23 16.21
C PHE B 30 -24.14 -6.49 17.39
N HIS B 31 -24.99 -5.84 18.20
CA HIS B 31 -24.55 -5.14 19.40
C HIS B 31 -25.81 -4.89 20.22
N PRO B 32 -25.79 -5.23 21.52
CA PRO B 32 -24.70 -5.73 22.37
C PRO B 32 -24.26 -7.15 22.04
N PRO B 33 -23.16 -7.60 22.67
CA PRO B 33 -22.52 -8.89 22.33
C PRO B 33 -23.29 -10.11 22.85
N HIS B 34 -24.15 -9.95 23.85
CA HIS B 34 -24.90 -11.11 24.30
C HIS B 34 -25.85 -11.55 23.19
N ILE B 35 -25.76 -12.83 22.82
CA ILE B 35 -26.57 -13.36 21.75
C ILE B 35 -26.79 -14.85 21.97
N GLU B 36 -27.90 -15.37 21.48
CA GLU B 36 -28.27 -16.77 21.68
C GLU B 36 -28.48 -17.41 20.32
N ILE B 37 -27.63 -18.38 20.00
CA ILE B 37 -27.63 -19.01 18.69
C ILE B 37 -27.89 -20.50 18.83
N GLN B 38 -28.92 -20.99 18.12
CA GLN B 38 -29.16 -22.43 18.02
C GLN B 38 -29.27 -22.86 16.56
N MET B 39 -28.95 -24.12 16.33
CA MET B 39 -29.12 -24.70 15.00
C MET B 39 -30.14 -25.81 15.08
N LEU B 40 -30.91 -25.99 14.00
CA LEU B 40 -32.09 -26.83 14.01
C LEU B 40 -32.09 -27.79 12.84
N LYS B 41 -32.34 -29.06 13.13
CA LYS B 41 -32.53 -30.06 12.11
C LYS B 41 -34.01 -30.49 12.11
N ASN B 42 -34.65 -30.40 10.94
CA ASN B 42 -36.07 -30.71 10.79
C ASN B 42 -36.95 -30.16 11.92
N GLY B 43 -36.68 -28.92 12.32
CA GLY B 43 -37.50 -28.25 13.32
C GLY B 43 -37.11 -28.51 14.77
N LYS B 44 -36.03 -29.26 14.98
CA LYS B 44 -35.62 -29.59 16.35
C LYS B 44 -34.19 -29.15 16.64
N LYS B 45 -33.99 -28.52 17.79
CA LYS B 45 -32.67 -28.04 18.22
C LYS B 45 -31.61 -29.15 18.14
N ILE B 46 -30.45 -28.80 17.59
CA ILE B 46 -29.33 -29.72 17.52
C ILE B 46 -28.47 -29.50 18.77
N PRO B 47 -28.24 -30.57 19.55
CA PRO B 47 -27.58 -30.47 20.85
C PRO B 47 -26.11 -30.03 20.74
N LYS B 48 -25.36 -30.66 19.85
CA LYS B 48 -23.91 -30.42 19.76
C LYS B 48 -23.56 -29.34 18.75
N VAL B 49 -23.55 -28.08 19.20
CA VAL B 49 -23.18 -26.96 18.34
C VAL B 49 -22.03 -26.16 18.96
N GLU B 50 -20.93 -26.02 18.24
CA GLU B 50 -19.76 -25.33 18.77
C GLU B 50 -19.74 -23.87 18.37
N MET B 51 -19.19 -23.03 19.25
CA MET B 51 -19.18 -21.59 19.02
C MET B 51 -17.76 -21.05 19.03
N SER B 52 -17.41 -20.25 18.03
CA SER B 52 -16.13 -19.56 18.06
C SER B 52 -16.15 -18.57 19.22
N ASP B 53 -14.98 -18.10 19.61
CA ASP B 53 -14.87 -17.07 20.63
C ASP B 53 -15.33 -15.79 19.99
N MET B 54 -15.92 -14.89 20.75
CA MET B 54 -16.48 -13.72 20.11
C MET B 54 -15.41 -12.67 19.80
N SER B 55 -15.64 -11.95 18.71
CA SER B 55 -14.74 -10.91 18.24
C SER B 55 -15.63 -9.76 17.79
N PHE B 56 -15.02 -8.60 17.59
CA PHE B 56 -15.73 -7.48 16.98
C PHE B 56 -14.92 -6.85 15.87
N SER B 57 -15.61 -6.11 15.01
CA SER B 57 -14.98 -5.57 13.82
C SER B 57 -14.76 -4.08 14.00
N LYS B 58 -14.05 -3.49 13.05
CA LYS B 58 -13.70 -2.08 13.04
C LYS B 58 -14.88 -1.16 13.31
N ASP B 59 -16.10 -1.62 13.01
CA ASP B 59 -17.27 -0.77 13.20
C ASP B 59 -17.93 -1.01 14.56
N TRP B 60 -17.22 -1.71 15.44
CA TRP B 60 -17.69 -2.03 16.81
C TRP B 60 -18.67 -3.20 16.89
N SER B 61 -19.16 -3.67 15.75
CA SER B 61 -20.12 -4.77 15.76
C SER B 61 -19.45 -6.12 16.00
N PHE B 62 -20.16 -6.98 16.72
CA PHE B 62 -19.63 -8.30 17.05
C PHE B 62 -19.94 -9.34 15.99
N TYR B 63 -19.16 -10.39 15.97
CA TYR B 63 -19.44 -11.49 15.07
C TYR B 63 -19.03 -12.79 15.71
N ILE B 64 -19.60 -13.87 15.22
CA ILE B 64 -19.34 -15.16 15.80
C ILE B 64 -19.77 -16.25 14.83
N LEU B 65 -19.08 -17.36 14.88
CA LEU B 65 -19.39 -18.47 14.00
C LEU B 65 -19.78 -19.68 14.82
N ALA B 66 -20.98 -20.19 14.59
CA ALA B 66 -21.42 -21.45 15.15
C ALA B 66 -21.39 -22.53 14.07
N HIS B 67 -21.04 -23.75 14.46
CA HIS B 67 -21.00 -24.84 13.51
C HIS B 67 -21.32 -26.19 14.16
N THR B 68 -21.69 -27.15 13.32
CA THR B 68 -22.05 -28.47 13.78
C THR B 68 -21.72 -29.47 12.68
N GLU B 69 -21.37 -30.69 13.06
CA GLU B 69 -21.13 -31.73 12.07
C GLU B 69 -22.46 -32.24 11.53
N PHE B 70 -22.53 -32.47 10.21
CA PHE B 70 -23.74 -33.05 9.66
C PHE B 70 -23.48 -33.81 8.37
N THR B 71 -24.40 -34.71 8.04
CA THR B 71 -24.33 -35.44 6.79
C THR B 71 -25.58 -35.14 6.00
N PRO B 72 -25.46 -34.26 5.01
CA PRO B 72 -26.64 -33.81 4.27
C PRO B 72 -27.37 -34.97 3.57
N THR B 73 -28.69 -34.92 3.56
CA THR B 73 -29.49 -35.81 2.74
C THR B 73 -30.40 -34.97 1.85
N GLU B 74 -31.10 -35.62 0.95
CA GLU B 74 -31.94 -34.90 -0.01
C GLU B 74 -33.07 -34.12 0.70
N THR B 75 -33.56 -34.66 1.81
CA THR B 75 -34.81 -34.15 2.39
C THR B 75 -34.68 -33.44 3.74
N ASP B 76 -33.59 -33.66 4.46
CA ASP B 76 -33.41 -32.98 5.75
C ASP B 76 -33.30 -31.47 5.62
N THR B 77 -33.94 -30.76 6.54
CA THR B 77 -33.98 -29.30 6.55
C THR B 77 -33.14 -28.76 7.72
N TYR B 78 -32.32 -27.75 7.45
CA TYR B 78 -31.52 -27.16 8.52
C TYR B 78 -31.76 -25.67 8.62
N ALA B 79 -31.61 -25.14 9.83
CA ALA B 79 -31.80 -23.72 10.04
C ALA B 79 -30.92 -23.25 11.20
N CYS B 80 -30.69 -21.94 11.24
CA CYS B 80 -30.00 -21.34 12.35
C CYS B 80 -30.91 -20.25 12.87
N ARG B 81 -31.11 -20.23 14.20
CA ARG B 81 -32.02 -19.29 14.82
C ARG B 81 -31.31 -18.43 15.88
N VAL B 82 -31.47 -17.12 15.76
CA VAL B 82 -30.73 -16.18 16.57
C VAL B 82 -31.67 -15.32 17.40
N LYS B 83 -31.47 -15.32 18.72
CA LYS B 83 -32.19 -14.38 19.58
C LYS B 83 -31.22 -13.28 20.05
N HIS B 84 -31.63 -12.02 19.86
CA HIS B 84 -30.80 -10.88 20.21
C HIS B 84 -31.70 -9.71 20.59
N ASP B 85 -31.28 -8.91 21.57
CA ASP B 85 -32.12 -7.83 22.08
C ASP B 85 -32.55 -6.83 21.01
N SER B 86 -31.79 -6.74 19.92
CA SER B 86 -32.12 -5.79 18.86
C SER B 86 -33.40 -6.18 18.10
N MET B 87 -33.91 -7.38 18.37
CA MET B 87 -35.07 -7.89 17.63
C MET B 87 -36.19 -8.33 18.58
N ALA B 88 -37.43 -8.00 18.21
CA ALA B 88 -38.60 -8.42 18.96
C ALA B 88 -38.69 -9.95 19.04
N GLU B 89 -38.46 -10.63 17.92
CA GLU B 89 -38.56 -12.10 17.90
C GLU B 89 -37.29 -12.78 17.37
N PRO B 90 -37.08 -14.06 17.70
CA PRO B 90 -35.89 -14.72 17.15
C PRO B 90 -35.95 -14.71 15.63
N LYS B 91 -34.78 -14.70 14.99
CA LYS B 91 -34.69 -14.70 13.52
C LYS B 91 -34.18 -16.05 13.06
N THR B 92 -34.95 -16.73 12.20
CA THR B 92 -34.56 -18.02 11.66
C THR B 92 -34.14 -17.90 10.18
N VAL B 93 -33.03 -18.52 9.81
CA VAL B 93 -32.55 -18.53 8.44
C VAL B 93 -32.26 -19.97 8.04
N TYR B 94 -32.85 -20.41 6.93
CA TYR B 94 -32.72 -21.79 6.46
C TYR B 94 -31.53 -22.02 5.55
N TRP B 95 -30.94 -23.20 5.69
CA TRP B 95 -29.90 -23.64 4.77
C TRP B 95 -30.47 -23.86 3.35
N ASP B 96 -29.83 -23.20 2.39
CA ASP B 96 -30.12 -23.43 0.98
C ASP B 96 -28.81 -23.93 0.40
N ARG B 97 -28.81 -25.17 -0.07
CA ARG B 97 -27.58 -25.78 -0.55
C ARG B 97 -27.08 -25.14 -1.85
N ASP B 98 -27.88 -24.28 -2.46
CA ASP B 98 -27.45 -23.58 -3.67
C ASP B 98 -26.83 -22.23 -3.32
N MET B 99 -26.72 -21.95 -2.03
CA MET B 99 -26.20 -20.65 -1.57
C MET B 99 -25.20 -20.81 -0.44
N SER C 1 3.98 -3.15 -23.14
CA SER C 1 3.86 -2.58 -24.47
C SER C 1 3.08 -1.28 -24.40
N ILE C 2 3.66 -0.22 -24.94
CA ILE C 2 3.06 1.10 -24.88
C ILE C 2 1.84 1.18 -25.79
N ILE C 3 0.86 1.98 -25.42
CA ILE C 3 -0.32 2.16 -26.25
C ILE C 3 0.03 2.97 -27.50
N GLY C 4 -0.79 2.85 -28.56
CA GLY C 4 -0.68 3.72 -29.71
C GLY C 4 -1.42 5.01 -29.41
N PHE C 5 -0.73 6.15 -29.47
CA PHE C 5 -1.34 7.42 -29.08
C PHE C 5 -2.22 8.01 -30.16
N GLU C 6 -3.22 8.76 -29.74
CA GLU C 6 -4.13 9.45 -30.65
C GLU C 6 -3.82 10.96 -30.67
N LYS C 7 -4.16 11.61 -31.77
CA LYS C 7 -3.80 13.01 -31.94
C LYS C 7 -4.50 13.93 -30.95
N LEU C 8 -3.82 15.01 -30.58
CA LEU C 8 -4.36 16.01 -29.66
C LEU C 8 -5.19 17.04 -30.42
N GLY D 1 2.89 -8.23 -3.84
CA GLY D 1 2.60 -6.82 -3.64
C GLY D 1 2.17 -6.17 -4.94
N PRO D 2 2.05 -4.83 -4.95
CA PRO D 2 1.66 -4.08 -6.15
C PRO D 2 2.78 -3.92 -7.17
N HIS D 3 2.42 -3.84 -8.44
CA HIS D 3 3.39 -3.63 -9.50
C HIS D 3 2.88 -2.60 -10.49
N SER D 4 3.79 -2.04 -11.29
CA SER D 4 3.42 -1.04 -12.27
C SER D 4 4.20 -1.18 -13.58
N LEU D 5 3.51 -0.88 -14.67
CA LEU D 5 4.13 -0.73 -15.98
C LEU D 5 3.77 0.66 -16.47
N ARG D 6 4.78 1.53 -16.60
N ARG D 6 4.78 1.52 -16.59
CA ARG D 6 4.56 2.93 -16.97
CA ARG D 6 4.58 2.90 -17.00
C ARG D 6 5.53 3.39 -18.06
C ARG D 6 5.51 3.26 -18.16
N TYR D 7 5.03 4.12 -19.04
CA TYR D 7 5.89 4.69 -20.08
C TYR D 7 5.97 6.21 -19.96
N PHE D 8 7.18 6.73 -20.09
CA PHE D 8 7.43 8.17 -20.08
C PHE D 8 7.81 8.56 -21.49
N VAL D 9 7.01 9.43 -22.10
CA VAL D 9 7.21 9.83 -23.49
C VAL D 9 7.62 11.31 -23.57
N THR D 10 8.55 11.60 -24.46
CA THR D 10 9.00 12.99 -24.67
C THR D 10 9.09 13.29 -26.17
N ALA D 11 8.50 14.41 -26.58
CA ALA D 11 8.66 14.95 -27.93
C ALA D 11 9.12 16.39 -27.78
N VAL D 12 10.29 16.71 -28.32
CA VAL D 12 10.86 18.05 -28.19
C VAL D 12 11.12 18.61 -29.58
N SER D 13 10.48 19.72 -29.90
CA SER D 13 10.69 20.31 -31.22
C SER D 13 11.96 21.13 -31.19
N ARG D 14 12.53 21.38 -32.36
CA ARG D 14 13.73 22.21 -32.47
C ARG D 14 13.78 22.83 -33.86
N PRO D 15 12.97 23.87 -34.09
CA PRO D 15 12.82 24.50 -35.41
C PRO D 15 14.16 24.90 -35.99
N GLY D 16 14.44 24.44 -37.21
CA GLY D 16 15.67 24.75 -37.89
C GLY D 16 16.82 23.79 -37.60
N LEU D 17 16.72 23.03 -36.52
CA LEU D 17 17.83 22.15 -36.12
C LEU D 17 17.60 20.68 -36.48
N GLY D 18 16.43 20.39 -37.03
CA GLY D 18 16.09 19.04 -37.41
C GLY D 18 14.71 18.67 -36.94
N GLU D 19 14.35 17.40 -37.10
CA GLU D 19 13.06 16.93 -36.66
C GLU D 19 12.98 16.90 -35.14
N PRO D 20 11.75 16.93 -34.60
CA PRO D 20 11.63 16.85 -33.14
C PRO D 20 12.31 15.59 -32.58
N ARG D 21 12.88 15.70 -31.38
CA ARG D 21 13.48 14.53 -30.76
C ARG D 21 12.40 13.78 -30.01
N TYR D 22 12.29 12.47 -30.25
CA TYR D 22 11.20 11.69 -29.69
C TYR D 22 11.75 10.52 -28.89
N MET D 23 11.15 10.27 -27.73
CA MET D 23 11.63 9.23 -26.85
C MET D 23 10.50 8.49 -26.16
N GLU D 24 10.59 7.17 -26.10
CA GLU D 24 9.69 6.38 -25.27
C GLU D 24 10.54 5.63 -24.23
N VAL D 25 10.23 5.77 -22.95
CA VAL D 25 10.95 5.02 -21.93
C VAL D 25 10.01 4.20 -21.07
N GLY D 26 10.30 2.91 -20.96
CA GLY D 26 9.45 2.03 -20.21
C GLY D 26 10.04 1.68 -18.86
N TYR D 27 9.18 1.60 -17.85
CA TYR D 27 9.59 1.22 -16.50
C TYR D 27 8.66 0.13 -15.98
N VAL D 28 9.25 -0.95 -15.48
CA VAL D 28 8.55 -1.91 -14.66
C VAL D 28 8.92 -1.62 -13.21
N ASP D 29 7.92 -1.33 -12.38
CA ASP D 29 8.17 -0.98 -10.99
C ASP D 29 9.23 0.09 -10.85
N ASP D 30 9.15 1.13 -11.67
CA ASP D 30 10.08 2.25 -11.53
C ASP D 30 11.52 1.91 -11.96
N THR D 31 11.71 0.78 -12.63
CA THR D 31 13.01 0.49 -13.22
C THR D 31 12.98 0.47 -14.75
N GLU D 32 13.85 1.24 -15.38
CA GLU D 32 13.86 1.34 -16.84
C GLU D 32 14.20 -0.01 -17.46
N PHE D 33 13.36 -0.47 -18.38
CA PHE D 33 13.57 -1.79 -18.97
C PHE D 33 13.59 -1.80 -20.50
N VAL D 34 13.11 -0.71 -21.10
CA VAL D 34 13.22 -0.52 -22.55
C VAL D 34 13.30 0.98 -22.89
N ARG D 35 13.89 1.29 -24.03
CA ARG D 35 13.98 2.68 -24.49
C ARG D 35 13.96 2.78 -26.01
N PHE D 36 13.15 3.70 -26.54
CA PHE D 36 13.23 4.08 -27.96
C PHE D 36 13.70 5.53 -28.03
N ASP D 37 14.76 5.78 -28.79
CA ASP D 37 15.31 7.12 -28.99
C ASP D 37 15.33 7.45 -30.49
N SER D 38 14.50 8.40 -30.92
CA SER D 38 14.39 8.73 -32.34
C SER D 38 15.66 9.34 -32.92
N ASP D 39 16.60 9.73 -32.06
CA ASP D 39 17.78 10.43 -32.53
C ASP D 39 18.86 9.48 -33.07
N ALA D 40 18.55 8.83 -34.18
CA ALA D 40 19.51 7.96 -34.87
C ALA D 40 19.02 7.64 -36.28
N GLU D 41 19.96 7.31 -37.18
CA GLU D 41 19.61 6.96 -38.57
C GLU D 41 18.68 5.77 -38.57
N ASN D 42 18.96 4.82 -37.67
CA ASN D 42 18.06 3.70 -37.45
C ASN D 42 17.72 3.57 -35.97
N PRO D 43 16.67 4.28 -35.56
CA PRO D 43 16.13 4.19 -34.20
C PRO D 43 15.43 2.86 -33.99
N ARG D 44 15.72 2.22 -32.86
CA ARG D 44 15.13 0.92 -32.54
C ARG D 44 14.80 0.86 -31.07
N TYR D 45 13.72 0.15 -30.73
CA TYR D 45 13.48 -0.15 -29.33
C TYR D 45 14.62 -1.02 -28.84
N GLU D 46 15.03 -0.83 -27.60
CA GLU D 46 16.14 -1.60 -27.04
C GLU D 46 15.95 -1.99 -25.59
N PRO D 47 16.40 -3.20 -25.24
CA PRO D 47 16.39 -3.64 -23.84
C PRO D 47 17.26 -2.72 -23.04
N ARG D 48 16.81 -2.34 -21.85
CA ARG D 48 17.62 -1.57 -20.91
C ARG D 48 17.81 -2.40 -19.66
N ALA D 49 17.34 -3.64 -19.73
CA ALA D 49 17.60 -4.64 -18.70
C ALA D 49 17.85 -5.97 -19.40
N ARG D 50 18.88 -6.68 -18.96
CA ARG D 50 19.26 -7.92 -19.62
C ARG D 50 18.13 -8.93 -19.69
N TRP D 51 17.28 -8.97 -18.68
CA TRP D 51 16.18 -9.94 -18.68
C TRP D 51 15.22 -9.74 -19.85
N MET D 52 15.29 -8.58 -20.50
CA MET D 52 14.41 -8.30 -21.64
C MET D 52 14.91 -8.93 -22.92
N GLU D 53 16.14 -9.40 -22.90
CA GLU D 53 16.74 -9.97 -24.09
C GLU D 53 16.07 -11.29 -24.52
N GLN D 54 15.38 -11.93 -23.58
CA GLN D 54 14.60 -13.11 -23.89
C GLN D 54 13.63 -12.82 -25.03
N GLU D 55 13.12 -11.59 -25.08
CA GLU D 55 12.17 -11.22 -26.12
C GLU D 55 12.78 -11.38 -27.49
N GLY D 56 12.05 -12.03 -28.39
CA GLY D 56 12.54 -12.30 -29.73
C GLY D 56 12.30 -11.17 -30.71
N PRO D 57 12.93 -11.28 -31.89
CA PRO D 57 12.87 -10.35 -33.03
C PRO D 57 11.50 -9.74 -33.32
N GLU D 58 10.42 -10.51 -33.19
CA GLU D 58 9.10 -9.95 -33.51
C GLU D 58 8.67 -8.90 -32.49
N TYR D 59 9.10 -9.06 -31.24
CA TYR D 59 8.78 -8.07 -30.21
C TYR D 59 9.43 -6.71 -30.52
N TRP D 60 10.74 -6.70 -30.74
CA TRP D 60 11.44 -5.46 -30.98
C TRP D 60 11.00 -4.81 -32.29
N GLU D 61 10.68 -5.65 -33.27
CA GLU D 61 10.22 -5.12 -34.54
C GLU D 61 8.89 -4.40 -34.35
N ARG D 62 7.94 -5.07 -33.72
CA ARG D 62 6.61 -4.50 -33.52
C ARG D 62 6.66 -3.23 -32.66
N GLU D 63 7.37 -3.29 -31.53
CA GLU D 63 7.48 -2.12 -30.66
C GLU D 63 8.18 -0.97 -31.38
N THR D 64 9.19 -1.29 -32.19
CA THR D 64 9.87 -0.28 -33.00
C THR D 64 8.90 0.42 -33.96
N GLN D 65 8.17 -0.36 -34.76
CA GLN D 65 7.26 0.23 -35.73
C GLN D 65 6.17 1.02 -35.03
N LYS D 66 5.70 0.53 -33.88
CA LYS D 66 4.67 1.25 -33.16
C LYS D 66 5.20 2.60 -32.66
N ALA D 67 6.46 2.61 -32.22
CA ALA D 67 7.12 3.83 -31.74
C ALA D 67 7.28 4.88 -32.85
N LYS D 68 7.74 4.44 -34.01
CA LYS D 68 7.88 5.35 -35.15
C LYS D 68 6.54 5.98 -35.53
N GLY D 69 5.47 5.19 -35.48
CA GLY D 69 4.13 5.72 -35.74
C GLY D 69 3.74 6.77 -34.69
N ASN D 70 3.92 6.41 -33.43
CA ASN D 70 3.71 7.34 -32.32
C ASN D 70 4.50 8.65 -32.52
N GLU D 71 5.77 8.51 -32.89
CA GLU D 71 6.67 9.65 -33.09
C GLU D 71 6.11 10.63 -34.12
N GLN D 72 5.67 10.09 -35.25
CA GLN D 72 5.11 10.91 -36.31
C GLN D 72 3.78 11.54 -35.90
N SER D 73 3.03 10.85 -35.06
CA SER D 73 1.79 11.41 -34.52
C SER D 73 2.06 12.60 -33.56
N PHE D 74 3.11 12.49 -32.75
CA PHE D 74 3.49 13.59 -31.86
C PHE D 74 4.06 14.79 -32.63
N ARG D 75 4.75 14.52 -33.74
CA ARG D 75 5.24 15.59 -34.62
C ARG D 75 4.09 16.50 -35.08
N VAL D 76 2.97 15.89 -35.45
CA VAL D 76 1.76 16.60 -35.81
C VAL D 76 1.19 17.35 -34.58
N ASP D 77 1.15 16.67 -33.43
CA ASP D 77 0.63 17.28 -32.20
C ASP D 77 1.38 18.56 -31.84
N LEU D 78 2.70 18.56 -32.04
CA LEU D 78 3.52 19.74 -31.76
C LEU D 78 3.07 20.95 -32.60
N ARG D 79 2.78 20.73 -33.88
CA ARG D 79 2.19 21.79 -34.71
C ARG D 79 0.75 22.15 -34.29
N THR D 80 -0.06 21.14 -33.98
CA THR D 80 -1.42 21.39 -33.52
C THR D 80 -1.41 22.33 -32.32
N LEU D 81 -0.49 22.09 -31.38
CA LEU D 81 -0.43 22.91 -30.16
C LEU D 81 -0.09 24.36 -30.42
N LEU D 82 0.84 24.60 -31.35
CA LEU D 82 1.16 25.97 -31.78
C LEU D 82 -0.12 26.72 -32.16
N GLY D 83 -0.99 26.04 -32.91
CA GLY D 83 -2.28 26.60 -33.28
C GLY D 83 -3.17 26.86 -32.08
N TYR D 84 -3.32 25.87 -31.20
CA TYR D 84 -4.19 26.02 -30.03
C TYR D 84 -3.76 27.22 -29.18
N TYR D 85 -2.46 27.40 -29.06
CA TYR D 85 -1.92 28.45 -28.19
C TYR D 85 -1.54 29.72 -28.95
N ASN D 86 -1.78 29.74 -30.26
CA ASN D 86 -1.39 30.91 -31.04
C ASN D 86 0.07 31.29 -30.80
N GLN D 87 0.93 30.29 -30.85
CA GLN D 87 2.36 30.50 -30.68
C GLN D 87 3.05 30.54 -32.04
N SER D 88 4.22 31.15 -32.08
CA SER D 88 4.96 31.29 -33.34
C SER D 88 5.72 30.00 -33.68
N LYS D 89 6.10 29.87 -34.93
CA LYS D 89 6.75 28.64 -35.39
C LYS D 89 8.20 28.52 -34.93
N GLY D 90 8.71 29.56 -34.29
CA GLY D 90 10.13 29.65 -34.01
C GLY D 90 10.71 28.88 -32.82
N GLY D 91 9.97 28.82 -31.72
CA GLY D 91 10.52 28.26 -30.50
C GLY D 91 10.51 26.75 -30.38
N SER D 92 11.32 26.23 -29.46
CA SER D 92 11.27 24.83 -29.09
C SER D 92 10.13 24.62 -28.08
N HIS D 93 9.44 23.48 -28.20
CA HIS D 93 8.39 23.14 -27.25
C HIS D 93 8.49 21.66 -26.89
N THR D 94 7.90 21.28 -25.76
N THR D 94 7.90 21.30 -25.76
CA THR D 94 7.99 19.91 -25.28
CA THR D 94 7.93 19.92 -25.32
C THR D 94 6.62 19.35 -24.92
C THR D 94 6.53 19.42 -25.08
N ILE D 95 6.31 18.15 -25.41
CA ILE D 95 5.10 17.45 -25.00
C ILE D 95 5.60 16.23 -24.25
N GLN D 96 4.99 15.94 -23.11
CA GLN D 96 5.38 14.78 -22.31
C GLN D 96 4.15 13.97 -21.93
N VAL D 97 4.31 12.65 -21.88
CA VAL D 97 3.23 11.77 -21.45
C VAL D 97 3.75 10.76 -20.42
N ILE D 98 2.94 10.55 -19.39
CA ILE D 98 3.09 9.37 -18.53
C ILE D 98 1.89 8.48 -18.75
N SER D 99 2.13 7.23 -19.13
CA SER D 99 1.07 6.34 -19.56
C SER D 99 1.29 4.96 -19.02
N GLY D 100 0.27 4.35 -18.42
CA GLY D 100 0.40 2.97 -17.98
C GLY D 100 -0.41 2.61 -16.76
N CYS D 101 -0.01 1.55 -16.08
CA CYS D 101 -0.89 0.90 -15.11
C CYS D 101 -0.17 0.48 -13.83
N GLU D 102 -0.83 0.72 -12.70
CA GLU D 102 -0.42 0.14 -11.42
C GLU D 102 -1.43 -0.95 -11.06
N VAL D 103 -0.95 -2.17 -10.84
CA VAL D 103 -1.85 -3.29 -10.57
C VAL D 103 -1.58 -3.99 -9.23
N GLY D 104 -2.67 -4.34 -8.53
CA GLY D 104 -2.58 -4.92 -7.20
C GLY D 104 -2.07 -6.34 -7.21
N SER D 105 -1.82 -6.89 -6.03
CA SER D 105 -1.40 -8.29 -5.89
C SER D 105 -2.49 -9.23 -6.42
N ASP D 106 -3.74 -8.76 -6.37
CA ASP D 106 -4.87 -9.52 -6.89
C ASP D 106 -5.01 -9.43 -8.41
N GLY D 107 -4.11 -8.69 -9.06
CA GLY D 107 -4.08 -8.60 -10.51
C GLY D 107 -5.05 -7.59 -11.08
N ARG D 108 -5.74 -6.89 -10.19
CA ARG D 108 -6.72 -5.88 -10.56
C ARG D 108 -6.02 -4.56 -10.80
N LEU D 109 -6.52 -3.78 -11.76
CA LEU D 109 -5.97 -2.46 -11.98
C LEU D 109 -6.29 -1.57 -10.79
N LEU D 110 -5.24 -1.04 -10.15
CA LEU D 110 -5.40 -0.13 -9.03
C LEU D 110 -5.53 1.32 -9.51
N ARG D 111 -4.63 1.72 -10.40
CA ARG D 111 -4.54 3.08 -10.91
C ARG D 111 -4.12 3.01 -12.37
N GLY D 112 -4.75 3.82 -13.21
CA GLY D 112 -4.36 3.93 -14.59
C GLY D 112 -3.84 5.33 -14.84
N TYR D 113 -2.86 5.47 -15.74
CA TYR D 113 -2.30 6.78 -16.02
C TYR D 113 -2.35 7.07 -17.51
N GLN D 114 -2.88 8.24 -17.84
CA GLN D 114 -2.73 8.81 -19.17
C GLN D 114 -2.72 10.33 -18.98
N GLN D 115 -1.53 10.85 -18.70
CA GLN D 115 -1.30 12.24 -18.34
C GLN D 115 -0.39 12.90 -19.38
N TYR D 116 -0.79 14.08 -19.86
CA TYR D 116 0.02 14.87 -20.80
C TYR D 116 0.47 16.19 -20.19
N ALA D 117 1.66 16.66 -20.58
CA ALA D 117 2.11 18.01 -20.29
C ALA D 117 2.63 18.70 -21.56
N TYR D 118 2.46 20.01 -21.62
CA TYR D 118 2.99 20.80 -22.71
C TYR D 118 3.89 21.84 -22.07
N ASP D 119 5.13 21.92 -22.55
CA ASP D 119 6.14 22.80 -21.94
C ASP D 119 6.24 22.68 -20.41
N GLY D 120 6.12 21.46 -19.91
CA GLY D 120 6.34 21.19 -18.50
C GLY D 120 5.17 21.50 -17.58
N CYS D 121 4.00 21.83 -18.13
CA CYS D 121 2.83 22.04 -17.27
C CYS D 121 1.68 21.10 -17.67
N ASP D 122 0.89 20.66 -16.69
CA ASP D 122 -0.25 19.79 -16.96
C ASP D 122 -1.05 20.27 -18.15
N TYR D 123 -1.40 19.36 -19.04
CA TYR D 123 -2.21 19.68 -20.22
C TYR D 123 -3.55 18.97 -20.12
N ILE D 124 -3.52 17.65 -20.21
CA ILE D 124 -4.74 16.89 -19.97
C ILE D 124 -4.42 15.55 -19.29
N ALA D 125 -5.36 15.04 -18.52
CA ALA D 125 -5.19 13.79 -17.81
C ALA D 125 -6.49 12.98 -17.76
N LEU D 126 -6.37 11.66 -17.86
CA LEU D 126 -7.54 10.80 -17.65
C LEU D 126 -7.80 10.70 -16.15
N ASN D 127 -9.03 10.99 -15.75
CA ASN D 127 -9.40 10.96 -14.34
C ASN D 127 -9.44 9.53 -13.79
N GLU D 128 -9.48 9.40 -12.47
CA GLU D 128 -9.36 8.07 -11.86
C GLU D 128 -10.56 7.18 -12.16
N ASP D 129 -11.66 7.78 -12.62
CA ASP D 129 -12.82 7.01 -13.04
C ASP D 129 -12.57 6.34 -14.39
N LEU D 130 -11.45 6.67 -15.01
CA LEU D 130 -11.11 6.16 -16.33
C LEU D 130 -12.19 6.47 -17.38
N LYS D 131 -12.98 7.52 -17.15
CA LYS D 131 -14.08 7.88 -18.06
C LYS D 131 -14.08 9.33 -18.51
N THR D 132 -13.60 10.22 -17.66
CA THR D 132 -13.59 11.64 -17.95
C THR D 132 -12.17 12.21 -17.92
N TRP D 133 -12.00 13.37 -18.55
CA TRP D 133 -10.71 14.05 -18.64
C TRP D 133 -10.70 15.36 -17.89
N THR D 134 -9.58 15.64 -17.24
CA THR D 134 -9.32 16.99 -16.74
C THR D 134 -8.46 17.74 -17.74
N ALA D 135 -9.03 18.78 -18.33
CA ALA D 135 -8.32 19.65 -19.25
C ALA D 135 -7.81 20.83 -18.44
N ALA D 136 -6.51 21.10 -18.47
CA ALA D 136 -5.95 22.14 -17.59
C ALA D 136 -6.15 23.57 -18.07
N ASP D 137 -6.26 23.78 -19.37
CA ASP D 137 -6.46 25.12 -19.90
C ASP D 137 -7.39 25.08 -21.12
N MET D 138 -7.60 26.21 -21.79
N MET D 138 -7.59 26.20 -21.80
CA MET D 138 -8.52 26.27 -22.91
CA MET D 138 -8.54 26.23 -22.91
C MET D 138 -8.04 25.50 -24.15
C MET D 138 -8.03 25.60 -24.21
N ALA D 139 -6.73 25.37 -24.31
CA ALA D 139 -6.19 24.63 -25.44
C ALA D 139 -6.53 23.16 -25.24
N ALA D 140 -6.25 22.66 -24.04
CA ALA D 140 -6.45 21.27 -23.70
C ALA D 140 -7.93 20.93 -23.79
N LEU D 141 -8.76 21.95 -23.61
CA LEU D 141 -10.22 21.80 -23.75
C LEU D 141 -10.60 21.39 -25.17
N ILE D 142 -9.82 21.83 -26.14
CA ILE D 142 -10.07 21.45 -27.52
C ILE D 142 -9.85 19.95 -27.63
N THR D 143 -8.72 19.49 -27.11
CA THR D 143 -8.39 18.07 -27.14
C THR D 143 -9.45 17.25 -26.42
N LYS D 144 -9.87 17.72 -25.25
CA LYS D 144 -10.87 17.03 -24.45
C LYS D 144 -12.12 16.79 -25.26
N HIS D 145 -12.57 17.81 -25.97
CA HIS D 145 -13.74 17.69 -26.84
C HIS D 145 -13.56 16.63 -27.94
N LYS D 146 -12.46 16.71 -28.68
CA LYS D 146 -12.16 15.71 -29.71
C LYS D 146 -12.20 14.31 -29.12
N TRP D 147 -11.60 14.16 -27.93
CA TRP D 147 -11.46 12.86 -27.33
C TRP D 147 -12.79 12.32 -26.73
N GLU D 148 -13.63 13.20 -26.21
CA GLU D 148 -14.94 12.79 -25.74
C GLU D 148 -15.77 12.25 -26.89
N GLN D 149 -15.74 12.94 -28.01
CA GLN D 149 -16.50 12.50 -29.17
C GLN D 149 -15.97 11.20 -29.75
N ALA D 150 -14.65 11.07 -29.78
CA ALA D 150 -14.02 9.89 -30.37
C ALA D 150 -14.04 8.66 -29.46
N GLY D 151 -14.48 8.84 -28.22
CA GLY D 151 -14.48 7.76 -27.24
C GLY D 151 -13.08 7.34 -26.78
N GLU D 152 -12.14 8.28 -26.77
CA GLU D 152 -10.77 7.99 -26.36
C GLU D 152 -10.67 7.37 -24.95
N ALA D 153 -11.53 7.82 -24.04
CA ALA D 153 -11.47 7.29 -22.68
C ALA D 153 -11.79 5.80 -22.64
N GLU D 154 -12.75 5.35 -23.45
CA GLU D 154 -13.05 3.93 -23.47
C GLU D 154 -11.88 3.14 -24.08
N ARG D 155 -11.26 3.71 -25.12
CA ARG D 155 -10.09 3.08 -25.73
C ARG D 155 -9.00 2.89 -24.68
N LEU D 156 -8.82 3.89 -23.83
CA LEU D 156 -7.81 3.81 -22.78
C LEU D 156 -8.18 2.90 -21.62
N ARG D 157 -9.44 2.93 -21.21
CA ARG D 157 -9.89 2.00 -20.18
C ARG D 157 -9.55 0.57 -20.64
N ALA D 158 -9.83 0.28 -21.90
CA ALA D 158 -9.57 -1.07 -22.45
C ALA D 158 -8.09 -1.42 -22.45
N TYR D 159 -7.24 -0.50 -22.89
CA TYR D 159 -5.80 -0.72 -22.88
C TYR D 159 -5.32 -0.91 -21.45
N LEU D 160 -5.81 -0.09 -20.53
CA LEU D 160 -5.29 -0.05 -19.16
C LEU D 160 -5.71 -1.27 -18.36
N GLU D 161 -6.95 -1.71 -18.54
CA GLU D 161 -7.43 -2.86 -17.81
C GLU D 161 -7.00 -4.16 -18.45
N GLY D 162 -6.71 -4.13 -19.75
CA GLY D 162 -6.32 -5.33 -20.48
C GLY D 162 -4.87 -5.36 -20.93
N THR D 163 -4.62 -4.82 -22.11
CA THR D 163 -3.27 -4.85 -22.69
C THR D 163 -2.18 -4.55 -21.68
N CYS D 164 -2.35 -3.48 -20.90
CA CYS D 164 -1.28 -3.01 -20.01
C CYS D 164 -1.07 -4.02 -18.88
N VAL D 165 -2.16 -4.56 -18.37
CA VAL D 165 -2.08 -5.55 -17.29
C VAL D 165 -1.42 -6.84 -17.79
N GLU D 166 -1.79 -7.26 -18.99
CA GLU D 166 -1.29 -8.49 -19.58
C GLU D 166 0.22 -8.40 -19.80
N TRP D 167 0.67 -7.29 -20.39
CA TRP D 167 2.09 -7.12 -20.66
C TRP D 167 2.90 -7.04 -19.37
N LEU D 168 2.40 -6.31 -18.38
CA LEU D 168 3.05 -6.26 -17.07
C LEU D 168 3.34 -7.68 -16.57
N ARG D 169 2.33 -8.54 -16.63
CA ARG D 169 2.45 -9.93 -16.19
C ARG D 169 3.63 -10.62 -16.88
N ARG D 170 3.75 -10.39 -18.18
CA ARG D 170 4.79 -11.05 -18.95
C ARG D 170 6.19 -10.51 -18.60
N TYR D 171 6.31 -9.19 -18.51
CA TYR D 171 7.58 -8.58 -18.17
C TYR D 171 8.02 -9.02 -16.78
N LEU D 172 7.06 -9.15 -15.87
CA LEU D 172 7.34 -9.58 -14.50
C LEU D 172 7.76 -11.06 -14.49
N LYS D 173 7.23 -11.84 -15.42
CA LYS D 173 7.62 -13.24 -15.50
C LYS D 173 9.11 -13.33 -15.81
N ASN D 174 9.54 -12.57 -16.79
CA ASN D 174 10.93 -12.60 -17.25
C ASN D 174 11.90 -11.81 -16.37
N GLY D 175 11.38 -10.95 -15.49
CA GLY D 175 12.25 -10.07 -14.74
C GLY D 175 12.05 -10.06 -13.24
N ASN D 176 10.95 -10.63 -12.77
CA ASN D 176 10.65 -10.67 -11.34
C ASN D 176 11.85 -11.11 -10.53
N ALA D 177 12.47 -12.22 -10.93
CA ALA D 177 13.66 -12.73 -10.28
C ALA D 177 14.60 -11.62 -9.84
N THR D 178 14.86 -10.66 -10.73
CA THR D 178 15.80 -9.58 -10.45
C THR D 178 15.14 -8.25 -10.06
N LEU D 179 13.88 -8.05 -10.42
CA LEU D 179 13.19 -6.81 -10.06
C LEU D 179 12.92 -6.74 -8.56
N LEU D 180 12.87 -7.91 -7.92
CA LEU D 180 12.60 -7.99 -6.49
C LEU D 180 13.86 -7.69 -5.67
N ARG D 181 14.98 -7.53 -6.37
CA ARG D 181 16.26 -7.23 -5.75
C ARG D 181 16.11 -6.20 -4.64
N THR D 182 16.82 -6.41 -3.55
CA THR D 182 16.86 -5.44 -2.48
C THR D 182 18.27 -5.34 -1.92
N ASP D 183 18.87 -4.16 -2.03
CA ASP D 183 20.20 -3.95 -1.51
C ASP D 183 20.09 -3.09 -0.26
N SER D 184 20.41 -3.70 0.87
CA SER D 184 20.33 -2.99 2.15
C SER D 184 21.42 -1.93 2.21
N PRO D 185 21.08 -0.75 2.75
CA PRO D 185 22.11 0.28 2.93
C PRO D 185 23.21 -0.17 3.88
N LYS D 186 24.45 0.16 3.56
CA LYS D 186 25.56 0.09 4.51
C LYS D 186 25.80 1.50 5.03
N ALA D 187 25.86 1.66 6.34
CA ALA D 187 25.94 2.98 6.95
C ALA D 187 27.19 3.14 7.81
N HIS D 188 27.68 4.37 7.90
CA HIS D 188 28.78 4.73 8.79
C HIS D 188 28.63 6.20 9.13
N VAL D 189 29.28 6.63 10.20
CA VAL D 189 29.24 8.02 10.61
C VAL D 189 30.60 8.68 10.44
N THR D 190 30.62 9.88 9.86
CA THR D 190 31.85 10.64 9.76
C THR D 190 31.82 11.84 10.71
N HIS D 191 33.01 12.35 11.02
CA HIS D 191 33.20 13.35 12.04
C HIS D 191 33.91 14.55 11.41
N HIS D 192 33.37 15.75 11.58
CA HIS D 192 33.95 16.93 10.92
C HIS D 192 33.96 18.13 11.85
N SER D 193 34.99 18.96 11.75
CA SER D 193 35.09 20.13 12.60
C SER D 193 34.15 21.29 12.23
N ARG D 194 33.70 22.02 13.24
CA ARG D 194 33.03 23.31 13.10
C ARG D 194 33.86 24.34 13.86
N PRO D 195 33.52 25.64 13.71
CA PRO D 195 34.23 26.62 14.54
C PRO D 195 33.93 26.41 16.03
N GLU D 196 34.79 26.94 16.88
CA GLU D 196 34.61 26.84 18.33
C GLU D 196 34.39 25.39 18.78
N ASP D 197 33.40 25.20 19.64
CA ASP D 197 33.26 23.93 20.33
C ASP D 197 32.14 23.08 19.75
N LYS D 198 31.96 23.12 18.43
CA LYS D 198 30.99 22.27 17.75
C LYS D 198 31.65 21.29 16.81
N VAL D 199 30.99 20.16 16.55
CA VAL D 199 31.42 19.25 15.51
C VAL D 199 30.20 18.76 14.74
N THR D 200 30.43 18.33 13.52
CA THR D 200 29.39 17.76 12.68
C THR D 200 29.55 16.26 12.65
N LEU D 201 28.46 15.55 12.92
CA LEU D 201 28.37 14.12 12.68
C LEU D 201 27.52 13.92 11.43
N ARG D 202 28.03 13.13 10.50
CA ARG D 202 27.35 12.87 9.24
C ARG D 202 27.10 11.37 9.08
N CYS D 203 25.83 11.02 9.03
CA CYS D 203 25.45 9.62 8.95
C CYS D 203 25.20 9.28 7.49
N TRP D 204 26.01 8.37 6.96
CA TRP D 204 25.96 8.03 5.54
C TRP D 204 25.23 6.71 5.36
N ALA D 205 24.38 6.63 4.34
CA ALA D 205 23.82 5.35 3.93
C ALA D 205 24.17 5.14 2.47
N LEU D 206 24.80 3.99 2.18
CA LEU D 206 25.35 3.74 0.85
C LEU D 206 24.94 2.40 0.27
N GLY D 207 24.97 2.31 -1.06
CA GLY D 207 24.79 1.06 -1.78
C GLY D 207 23.41 0.42 -1.68
N PHE D 208 22.39 1.22 -1.45
CA PHE D 208 21.07 0.66 -1.24
C PHE D 208 20.16 0.76 -2.47
N TYR D 209 19.20 -0.15 -2.53
CA TYR D 209 18.19 -0.18 -3.56
C TYR D 209 16.99 -0.92 -3.02
N PRO D 210 15.77 -0.42 -3.27
CA PRO D 210 15.37 0.80 -3.98
C PRO D 210 15.80 2.07 -3.25
N ALA D 211 15.46 3.23 -3.81
CA ALA D 211 15.96 4.53 -3.34
C ALA D 211 15.30 5.05 -2.06
N ASP D 212 14.04 4.67 -1.83
CA ASP D 212 13.28 5.13 -0.69
C ASP D 212 13.95 4.75 0.62
N ILE D 213 14.16 5.75 1.46
CA ILE D 213 14.90 5.53 2.70
C ILE D 213 14.67 6.68 3.68
N THR D 214 14.96 6.44 4.95
CA THR D 214 14.86 7.48 5.98
C THR D 214 16.06 7.40 6.92
N LEU D 215 16.70 8.55 7.15
CA LEU D 215 17.76 8.66 8.16
C LEU D 215 17.31 9.64 9.25
N THR D 216 17.54 9.28 10.51
CA THR D 216 17.21 10.16 11.63
C THR D 216 18.38 10.23 12.62
N TRP D 217 18.50 11.38 13.28
CA TRP D 217 19.41 11.54 14.39
C TRP D 217 18.62 11.71 15.69
N GLN D 218 19.03 11.01 16.74
CA GLN D 218 18.38 11.09 18.03
C GLN D 218 19.39 11.52 19.09
N LEU D 219 18.97 12.44 19.95
CA LEU D 219 19.74 12.73 21.16
C LEU D 219 19.10 11.95 22.30
N ASN D 220 19.84 10.94 22.78
CA ASN D 220 19.39 10.09 23.87
C ASN D 220 17.91 9.71 23.88
N GLY D 221 17.40 9.33 22.70
CA GLY D 221 16.06 8.78 22.58
C GLY D 221 15.00 9.64 21.92
N GLU D 222 15.37 10.84 21.48
CA GLU D 222 14.42 11.74 20.83
C GLU D 222 14.95 12.27 19.50
N GLU D 223 14.04 12.50 18.54
CA GLU D 223 14.46 12.87 17.19
C GLU D 223 14.71 14.35 16.98
N LEU D 224 15.89 14.64 16.45
CA LEU D 224 16.29 15.99 16.10
C LEU D 224 15.56 16.41 14.83
N ILE D 225 14.41 17.05 15.01
CA ILE D 225 13.49 17.28 13.91
C ILE D 225 13.85 18.50 13.06
N GLN D 226 14.51 19.49 13.66
CA GLN D 226 14.74 20.73 12.95
C GLN D 226 16.13 20.86 12.33
N ASP D 227 17.13 21.15 13.16
CA ASP D 227 18.45 21.52 12.66
C ASP D 227 19.30 20.34 12.16
N MET D 228 18.64 19.33 11.60
CA MET D 228 19.36 18.24 10.95
C MET D 228 19.48 18.55 9.46
N GLU D 229 20.70 18.48 8.92
CA GLU D 229 20.93 18.78 7.51
C GLU D 229 20.96 17.49 6.70
N LEU D 230 20.50 17.53 5.46
CA LEU D 230 20.52 16.33 4.62
C LEU D 230 20.68 16.65 3.13
N VAL D 231 20.81 15.60 2.32
CA VAL D 231 20.83 15.78 0.88
C VAL D 231 19.71 14.94 0.28
N GLU D 232 19.21 15.35 -0.88
CA GLU D 232 18.31 14.51 -1.65
C GLU D 232 18.99 13.19 -1.97
N THR D 233 18.26 12.11 -1.84
CA THR D 233 18.74 10.80 -2.27
C THR D 233 19.24 10.85 -3.71
N ARG D 234 20.42 10.28 -3.95
CA ARG D 234 21.12 10.44 -5.21
C ARG D 234 21.70 9.12 -5.72
N PRO D 235 21.74 8.95 -7.04
CA PRO D 235 22.28 7.73 -7.66
C PRO D 235 23.80 7.64 -7.58
N ALA D 236 24.32 6.49 -7.15
CA ALA D 236 25.77 6.31 -7.16
C ALA D 236 26.30 6.11 -8.58
N GLY D 237 25.40 5.77 -9.51
CA GLY D 237 25.78 5.57 -10.89
C GLY D 237 26.03 4.11 -11.21
N ASP D 238 25.89 3.25 -10.22
CA ASP D 238 26.08 1.81 -10.41
C ASP D 238 24.79 1.05 -10.13
N GLY D 239 23.69 1.77 -10.03
CA GLY D 239 22.41 1.15 -9.77
C GLY D 239 21.97 1.28 -8.33
N THR D 240 22.89 1.67 -7.45
CA THR D 240 22.53 1.88 -6.04
C THR D 240 22.39 3.37 -5.72
N PHE D 241 21.89 3.67 -4.53
CA PHE D 241 21.67 5.06 -4.12
C PHE D 241 22.43 5.46 -2.85
N GLN D 242 22.55 6.76 -2.63
CA GLN D 242 23.24 7.33 -1.47
C GLN D 242 22.36 8.38 -0.82
N LYS D 243 22.54 8.52 0.49
CA LYS D 243 21.94 9.61 1.23
C LYS D 243 22.76 9.82 2.50
N TRP D 244 22.80 11.05 2.99
CA TRP D 244 23.33 11.28 4.33
C TRP D 244 22.51 12.33 5.06
N ALA D 245 22.57 12.28 6.39
CA ALA D 245 21.94 13.29 7.24
C ALA D 245 22.94 13.65 8.34
N SER D 246 23.08 14.94 8.63
CA SER D 246 24.05 15.38 9.62
C SER D 246 23.46 16.30 10.68
N VAL D 247 24.08 16.31 11.87
CA VAL D 247 23.72 17.26 12.91
C VAL D 247 24.99 17.93 13.43
N VAL D 248 24.82 19.13 13.99
CA VAL D 248 25.88 19.78 14.74
C VAL D 248 25.72 19.53 16.25
N VAL D 249 26.76 19.01 16.87
CA VAL D 249 26.69 18.64 18.28
C VAL D 249 27.89 19.24 19.01
N PRO D 250 27.81 19.35 20.36
CA PRO D 250 28.93 19.88 21.13
C PRO D 250 30.14 18.96 21.10
N LEU D 251 31.31 19.57 20.99
CA LEU D 251 32.56 18.86 21.16
C LEU D 251 32.49 18.09 22.47
N GLY D 252 32.86 16.81 22.46
CA GLY D 252 32.83 16.01 23.66
C GLY D 252 31.54 15.22 23.86
N LYS D 253 30.52 15.51 23.07
CA LYS D 253 29.23 14.87 23.26
C LYS D 253 28.82 13.95 22.09
N GLU D 254 29.77 13.62 21.21
CA GLU D 254 29.48 12.81 20.04
C GLU D 254 28.76 11.50 20.39
N GLN D 255 29.14 10.90 21.52
CA GLN D 255 28.60 9.61 21.96
C GLN D 255 27.18 9.70 22.52
N TYR D 256 26.62 10.89 22.60
CA TYR D 256 25.27 11.06 23.12
C TYR D 256 24.22 10.99 22.02
N TYR D 257 24.68 10.82 20.79
CA TYR D 257 23.80 10.89 19.62
C TYR D 257 23.79 9.57 18.88
N THR D 258 22.62 9.24 18.33
CA THR D 258 22.44 8.00 17.59
C THR D 258 21.74 8.23 16.25
N CYS D 259 22.28 7.62 15.20
CA CYS D 259 21.64 7.68 13.88
C CYS D 259 20.87 6.39 13.61
N HIS D 260 19.70 6.52 13.00
CA HIS D 260 18.93 5.36 12.58
C HIS D 260 18.69 5.35 11.07
N VAL D 261 18.82 4.17 10.47
CA VAL D 261 18.58 4.01 9.03
C VAL D 261 17.37 3.10 8.83
N TYR D 262 16.38 3.58 8.09
CA TYR D 262 15.16 2.79 7.81
C TYR D 262 15.04 2.50 6.30
N HIS D 263 15.03 1.21 5.95
CA HIS D 263 14.94 0.78 4.55
C HIS D 263 14.24 -0.57 4.44
N GLN D 264 13.44 -0.76 3.39
CA GLN D 264 12.70 -2.01 3.23
C GLN D 264 13.59 -3.24 3.19
N GLY D 265 14.85 -3.06 2.82
CA GLY D 265 15.74 -4.18 2.65
C GLY D 265 16.33 -4.66 3.96
N LEU D 266 16.14 -3.88 5.01
CA LEU D 266 16.70 -4.18 6.31
C LEU D 266 15.78 -5.10 7.12
N PRO D 267 16.34 -6.17 7.69
CA PRO D 267 15.58 -6.97 8.68
C PRO D 267 14.94 -6.02 9.69
N GLU D 268 15.75 -5.12 10.24
CA GLU D 268 15.27 -4.07 11.12
C GLU D 268 16.21 -2.87 11.05
N PRO D 269 15.71 -1.67 11.40
CA PRO D 269 16.49 -0.44 11.26
C PRO D 269 17.92 -0.59 11.76
N LEU D 270 18.85 0.14 11.17
CA LEU D 270 20.21 0.18 11.69
C LEU D 270 20.31 1.24 12.76
N THR D 271 21.14 0.98 13.75
CA THR D 271 21.47 1.95 14.77
C THR D 271 22.98 2.07 14.83
N LEU D 272 23.50 3.29 14.76
N LEU D 272 23.50 3.29 14.76
CA LEU D 272 24.93 3.48 14.83
CA LEU D 272 24.94 3.48 14.79
C LEU D 272 25.36 4.81 15.42
C LEU D 272 25.36 4.82 15.39
N ARG D 273 26.65 4.92 15.69
CA ARG D 273 27.22 6.07 16.37
C ARG D 273 28.59 6.37 15.78
N TRP D 274 29.12 7.55 16.08
CA TRP D 274 30.49 7.89 15.77
C TRP D 274 31.43 6.93 16.51
N GLU D 275 32.35 6.33 15.76
CA GLU D 275 33.34 5.42 16.32
C GLU D 275 34.73 6.02 16.19
N PRO D 276 35.22 6.66 17.26
CA PRO D 276 36.60 7.18 17.20
C PRO D 276 37.56 6.02 16.95
N PRO D 277 38.55 6.23 16.07
CA PRO D 277 39.59 5.23 15.82
C PRO D 277 40.75 5.37 16.81
N ILE E 1 6.13 27.00 -17.72
CA ILE E 1 7.22 27.80 -17.18
C ILE E 1 8.53 27.00 -17.10
N GLN E 2 9.65 27.70 -16.95
CA GLN E 2 10.97 27.07 -16.88
C GLN E 2 11.38 26.81 -15.42
N LYS E 3 11.85 25.59 -15.15
CA LYS E 3 12.28 25.23 -13.80
C LYS E 3 13.81 25.21 -13.68
N THR E 4 14.30 25.71 -12.53
CA THR E 4 15.73 25.88 -12.26
C THR E 4 16.40 24.66 -11.66
N PRO E 5 17.44 24.17 -12.34
CA PRO E 5 18.14 22.95 -11.95
C PRO E 5 18.70 22.98 -10.53
N GLN E 6 18.61 21.83 -9.86
CA GLN E 6 19.34 21.56 -8.62
C GLN E 6 20.52 20.69 -8.98
N ILE E 7 21.64 20.86 -8.29
CA ILE E 7 22.87 20.15 -8.62
C ILE E 7 23.50 19.52 -7.39
N GLN E 8 23.93 18.26 -7.52
CA GLN E 8 24.81 17.68 -6.51
C GLN E 8 26.06 17.16 -7.18
N VAL E 9 27.21 17.40 -6.55
CA VAL E 9 28.49 16.89 -7.00
C VAL E 9 29.03 16.01 -5.89
N TYR E 10 29.43 14.78 -6.22
CA TYR E 10 29.77 13.79 -5.20
C TYR E 10 30.39 12.58 -5.84
N SER E 11 31.15 11.83 -5.05
CA SER E 11 31.85 10.63 -5.53
C SER E 11 30.99 9.38 -5.43
N ARG E 12 31.20 8.44 -6.35
CA ARG E 12 30.43 7.20 -6.34
C ARG E 12 30.77 6.41 -5.08
N HIS E 13 32.05 6.44 -4.71
CA HIS E 13 32.52 5.78 -3.51
C HIS E 13 33.13 6.82 -2.57
N PRO E 14 33.25 6.46 -1.28
CA PRO E 14 33.91 7.38 -0.35
C PRO E 14 35.34 7.64 -0.84
N PRO E 15 35.76 8.92 -0.84
CA PRO E 15 37.05 9.29 -1.44
C PRO E 15 38.25 8.88 -0.59
N GLU E 16 39.32 8.46 -1.26
CA GLU E 16 40.61 8.23 -0.62
C GLU E 16 41.65 8.77 -1.59
N ASN E 17 42.52 9.65 -1.12
CA ASN E 17 43.55 10.18 -1.99
C ASN E 17 44.35 9.03 -2.59
N GLY E 18 44.48 9.03 -3.92
CA GLY E 18 45.25 7.98 -4.59
C GLY E 18 44.43 6.84 -5.17
N LYS E 19 43.18 6.67 -4.74
CA LYS E 19 42.37 5.55 -5.23
C LYS E 19 41.38 5.99 -6.31
N PRO E 20 41.43 5.33 -7.47
CA PRO E 20 40.51 5.70 -8.56
C PRO E 20 39.05 5.62 -8.10
N ASN E 21 38.23 6.50 -8.67
CA ASN E 21 36.85 6.66 -8.27
C ASN E 21 36.06 7.25 -9.44
N ILE E 22 34.81 7.60 -9.19
CA ILE E 22 33.96 8.19 -10.20
C ILE E 22 33.39 9.45 -9.60
N LEU E 23 33.47 10.57 -10.32
CA LEU E 23 32.88 11.81 -9.85
C LEU E 23 31.55 12.06 -10.56
N ASN E 24 30.51 12.25 -9.76
CA ASN E 24 29.17 12.45 -10.28
C ASN E 24 28.72 13.90 -10.19
N CYS E 25 28.00 14.36 -11.22
CA CYS E 25 27.25 15.60 -11.15
C CYS E 25 25.80 15.26 -11.51
N TYR E 26 24.94 15.24 -10.51
CA TYR E 26 23.54 14.85 -10.65
C TYR E 26 22.68 16.10 -10.74
N VAL E 27 22.03 16.29 -11.87
CA VAL E 27 21.26 17.51 -12.12
C VAL E 27 19.77 17.20 -12.30
N THR E 28 18.92 17.92 -11.57
CA THR E 28 17.51 17.58 -11.49
C THR E 28 16.64 18.84 -11.56
N GLN E 29 15.33 18.65 -11.55
CA GLN E 29 14.39 19.76 -11.46
C GLN E 29 14.55 20.84 -12.51
N PHE E 30 14.89 20.47 -13.74
CA PHE E 30 15.00 21.49 -14.80
C PHE E 30 14.03 21.23 -15.94
N HIS E 31 13.71 22.30 -16.67
CA HIS E 31 12.80 22.27 -17.81
C HIS E 31 12.93 23.64 -18.49
N PRO E 32 13.14 23.69 -19.83
CA PRO E 32 13.16 22.61 -20.83
C PRO E 32 14.33 21.64 -20.69
N PRO E 33 14.28 20.53 -21.45
CA PRO E 33 15.27 19.44 -21.35
C PRO E 33 16.66 19.80 -21.88
N HIS E 34 16.76 20.80 -22.75
CA HIS E 34 18.09 21.16 -23.21
C HIS E 34 18.92 21.73 -22.07
N ILE E 35 20.09 21.15 -21.84
CA ILE E 35 20.97 21.60 -20.76
C ILE E 35 22.42 21.40 -21.19
N GLU E 36 23.33 22.18 -20.62
CA GLU E 36 24.75 22.04 -20.92
C GLU E 36 25.56 21.86 -19.64
N ILE E 37 26.16 20.69 -19.50
CA ILE E 37 26.79 20.30 -18.25
C ILE E 37 28.26 20.03 -18.50
N GLN E 38 29.13 20.71 -17.78
CA GLN E 38 30.54 20.37 -17.86
C GLN E 38 31.15 20.23 -16.47
N MET E 39 32.21 19.43 -16.41
CA MET E 39 32.92 19.18 -15.16
C MET E 39 34.31 19.80 -15.31
N LEU E 40 34.80 20.41 -14.24
CA LEU E 40 36.07 21.12 -14.31
C LEU E 40 37.01 20.63 -13.22
N LYS E 41 38.28 20.51 -13.60
CA LYS E 41 39.34 20.17 -12.66
C LYS E 41 40.31 21.35 -12.60
N ASN E 42 40.42 21.95 -11.43
CA ASN E 42 41.30 23.10 -11.27
C ASN E 42 41.06 24.20 -12.30
N GLY E 43 39.79 24.49 -12.56
CA GLY E 43 39.41 25.60 -13.42
C GLY E 43 39.30 25.22 -14.89
N LYS E 44 39.80 24.05 -15.27
CA LYS E 44 39.76 23.62 -16.67
C LYS E 44 38.77 22.49 -16.93
N LYS E 45 38.05 22.59 -18.05
CA LYS E 45 37.10 21.56 -18.47
C LYS E 45 37.73 20.18 -18.71
N ILE E 46 37.12 19.16 -18.08
CA ILE E 46 37.47 17.76 -18.31
C ILE E 46 36.80 17.33 -19.61
N PRO E 47 37.58 16.84 -20.57
CA PRO E 47 37.03 16.48 -21.89
C PRO E 47 36.19 15.20 -21.87
N LYS E 48 36.58 14.24 -21.03
CA LYS E 48 35.93 12.94 -21.00
C LYS E 48 34.84 12.88 -19.92
N VAL E 49 33.66 13.39 -20.24
CA VAL E 49 32.55 13.36 -19.29
C VAL E 49 31.35 12.60 -19.87
N GLU E 50 31.03 11.46 -19.25
CA GLU E 50 29.93 10.62 -19.70
C GLU E 50 28.61 11.22 -19.26
N MET E 51 27.54 10.89 -19.97
CA MET E 51 26.22 11.44 -19.67
C MET E 51 25.18 10.32 -19.69
N SER E 52 24.35 10.25 -18.65
CA SER E 52 23.27 9.28 -18.65
C SER E 52 22.24 9.73 -19.69
N ASP E 53 21.40 8.81 -20.14
CA ASP E 53 20.36 9.20 -21.07
C ASP E 53 19.37 10.03 -20.28
N MET E 54 18.66 10.94 -20.93
CA MET E 54 17.81 11.82 -20.14
C MET E 54 16.43 11.24 -19.86
N SER E 55 15.94 11.59 -18.68
CA SER E 55 14.71 11.05 -18.15
C SER E 55 13.99 12.20 -17.49
N PHE E 56 12.72 12.00 -17.16
CA PHE E 56 11.99 13.02 -16.41
C PHE E 56 11.16 12.38 -15.33
N SER E 57 10.72 13.19 -14.39
CA SER E 57 10.05 12.66 -13.22
C SER E 57 8.57 12.97 -13.25
N LYS E 58 7.84 12.38 -12.30
CA LYS E 58 6.39 12.55 -12.16
C LYS E 58 5.97 14.02 -12.22
N ASP E 59 6.84 14.92 -11.80
CA ASP E 59 6.52 16.35 -11.85
C ASP E 59 6.87 17.01 -13.18
N TRP E 60 7.22 16.19 -14.17
CA TRP E 60 7.56 16.63 -15.54
C TRP E 60 9.00 17.15 -15.71
N SER E 61 9.68 17.47 -14.61
CA SER E 61 11.04 18.02 -14.69
C SER E 61 12.05 16.92 -15.06
N PHE E 62 13.12 17.33 -15.72
CA PHE E 62 14.11 16.39 -16.23
C PHE E 62 15.25 16.19 -15.26
N TYR E 63 15.96 15.08 -15.41
CA TYR E 63 17.15 14.83 -14.62
C TYR E 63 18.14 14.05 -15.44
N ILE E 64 19.40 14.13 -15.02
CA ILE E 64 20.48 13.51 -15.75
C ILE E 64 21.72 13.44 -14.85
N LEU E 65 22.54 12.43 -15.10
CA LEU E 65 23.71 12.20 -14.28
C LEU E 65 24.97 12.25 -15.15
N ALA E 66 25.80 13.26 -14.93
CA ALA E 66 27.10 13.31 -15.57
C ALA E 66 28.14 12.71 -14.64
N HIS E 67 29.06 11.93 -15.20
CA HIS E 67 30.14 11.38 -14.39
C HIS E 67 31.46 11.30 -15.13
N THR E 68 32.55 11.19 -14.39
CA THR E 68 33.86 11.06 -15.00
C THR E 68 34.79 10.32 -14.04
N GLU E 69 35.73 9.57 -14.59
CA GLU E 69 36.73 8.92 -13.74
C GLU E 69 37.65 9.97 -13.11
N PHE E 70 38.05 9.74 -11.87
CA PHE E 70 39.04 10.60 -11.26
C PHE E 70 39.70 9.91 -10.07
N THR E 71 40.92 10.32 -9.78
CA THR E 71 41.62 9.84 -8.60
C THR E 71 41.86 11.04 -7.69
N PRO E 72 41.11 11.13 -6.59
CA PRO E 72 41.24 12.35 -5.76
C PRO E 72 42.61 12.53 -5.12
N THR E 73 43.01 13.79 -4.96
CA THR E 73 44.22 14.12 -4.23
C THR E 73 43.82 15.11 -3.15
N GLU E 74 44.75 15.45 -2.26
CA GLU E 74 44.41 16.33 -1.15
C GLU E 74 44.12 17.75 -1.61
N THR E 75 44.65 18.13 -2.78
CA THR E 75 44.59 19.52 -3.22
C THR E 75 43.91 19.78 -4.57
N ASP E 76 43.59 18.72 -5.31
CA ASP E 76 42.88 18.90 -6.57
C ASP E 76 41.42 19.32 -6.34
N THR E 77 41.02 20.38 -7.04
CA THR E 77 39.69 20.95 -6.90
C THR E 77 38.79 20.53 -8.09
N TYR E 78 37.57 20.08 -7.79
CA TYR E 78 36.63 19.71 -8.84
C TYR E 78 35.31 20.48 -8.72
N ALA E 79 34.62 20.58 -9.84
CA ALA E 79 33.39 21.36 -9.91
C ALA E 79 32.53 20.96 -11.10
N CYS E 80 31.24 21.23 -11.00
CA CYS E 80 30.32 20.98 -12.10
C CYS E 80 29.65 22.29 -12.46
N ARG E 81 29.68 22.62 -13.75
CA ARG E 81 29.13 23.89 -14.24
C ARG E 81 27.93 23.65 -15.15
N VAL E 82 26.82 24.29 -14.85
CA VAL E 82 25.58 24.02 -15.55
C VAL E 82 25.01 25.27 -16.18
N LYS E 83 24.82 25.21 -17.50
CA LYS E 83 24.12 26.28 -18.19
C LYS E 83 22.73 25.81 -18.62
N HIS E 84 21.70 26.53 -18.20
CA HIS E 84 20.32 26.17 -18.54
C HIS E 84 19.50 27.45 -18.73
N ASP E 85 18.56 27.39 -19.65
CA ASP E 85 17.77 28.56 -20.05
C ASP E 85 17.07 29.24 -18.87
N SER E 86 16.84 28.49 -17.80
CA SER E 86 16.16 29.05 -16.63
C SER E 86 17.07 29.96 -15.80
N MET E 87 18.34 30.06 -16.20
CA MET E 87 19.33 30.82 -15.42
C MET E 87 20.08 31.87 -16.26
N ALA E 88 20.15 33.08 -15.74
CA ALA E 88 20.89 34.15 -16.42
C ALA E 88 22.34 33.76 -16.68
N GLU E 89 23.01 33.18 -15.67
CA GLU E 89 24.41 32.76 -15.82
C GLU E 89 24.60 31.26 -15.52
N PRO E 90 25.74 30.70 -15.93
CA PRO E 90 26.07 29.32 -15.57
C PRO E 90 26.11 29.16 -14.06
N LYS E 91 25.67 28.01 -13.57
CA LYS E 91 25.68 27.71 -12.15
C LYS E 91 26.81 26.72 -11.89
N THR E 92 27.73 27.08 -11.00
CA THR E 92 28.88 26.24 -10.66
C THR E 92 28.79 25.73 -9.21
N VAL E 93 29.06 24.45 -9.03
CA VAL E 93 29.01 23.83 -7.72
C VAL E 93 30.28 23.01 -7.51
N TYR E 94 30.95 23.24 -6.38
CA TYR E 94 32.23 22.59 -6.10
C TYR E 94 32.07 21.30 -5.33
N TRP E 95 32.87 20.31 -5.70
CA TRP E 95 32.93 19.07 -4.97
C TRP E 95 33.45 19.34 -3.58
N ASP E 96 32.77 18.80 -2.58
CA ASP E 96 33.25 18.86 -1.20
C ASP E 96 33.30 17.43 -0.75
N ARG E 97 34.50 16.90 -0.51
CA ARG E 97 34.68 15.48 -0.21
C ARG E 97 33.98 15.01 1.07
N ASP E 98 33.55 15.94 1.91
CA ASP E 98 32.85 15.56 3.14
C ASP E 98 31.33 15.52 2.92
N MET E 99 30.90 15.63 1.67
CA MET E 99 29.47 15.72 1.40
C MET E 99 29.06 14.86 0.20
N SER F 1 2.70 -6.33 22.48
CA SER F 1 2.28 -6.05 23.85
C SER F 1 1.31 -4.86 23.83
N ILE F 2 0.16 -5.04 24.47
CA ILE F 2 -0.84 -3.97 24.50
C ILE F 2 -0.44 -2.88 25.50
N ILE F 3 -0.86 -1.64 25.23
CA ILE F 3 -0.61 -0.53 26.13
C ILE F 3 -1.35 -0.72 27.45
N GLY F 4 -0.91 -0.03 28.49
CA GLY F 4 -1.63 0.02 29.74
C GLY F 4 -2.60 1.17 29.61
N PHE F 5 -3.88 0.94 29.85
CA PHE F 5 -4.88 1.99 29.63
C PHE F 5 -5.01 2.96 30.80
N GLU F 6 -5.41 4.19 30.49
CA GLU F 6 -5.65 5.22 31.50
C GLU F 6 -7.15 5.50 31.62
N LYS F 7 -7.59 5.85 32.83
CA LYS F 7 -9.01 6.03 33.12
C LYS F 7 -9.71 7.13 32.33
N LEU F 8 -11.00 6.88 32.05
CA LEU F 8 -11.84 7.77 31.26
C LEU F 8 -12.41 8.87 32.13
#